data_4XX3
#
_entry.id   4XX3
#
_cell.length_a   142.020
_cell.length_b   142.020
_cell.length_c   142.020
_cell.angle_alpha   90.000
_cell.angle_beta   90.000
_cell.angle_gamma   90.000
#
_symmetry.space_group_name_H-M   'P 21 3'
#
loop_
_entity.id
_entity.type
_entity.pdbx_description
1 polymer Renin
2 non-polymer 2-acetamido-2-deoxy-beta-D-glucopyranose
3 non-polymer N-benzyl-3-{[(2Z,4S)-2-imino-4-methyl-6-oxo-4-(propan-2-yl)tetrahydropyrimidin-1(2H)-yl]methyl}benzamide
4 water water
#
_entity_poly.entity_id   1
_entity_poly.type   'polypeptide(L)'
_entity_poly.pdbx_seq_one_letter_code
;LTLGNTTSSVILTNYMDTQYYGEIGIGTPPQTFKVVFDTGSSNVWVPSSKCSRLYTACVYHKLFDASDSSSYKHNGTELT
LRYSTGTVSGFLSQDIITVGGITVTQMFGEVTEMPALPFMLAEFDGVVGMGFIEQAIGRVTPIFDNIISQGVLKEDVFSF
YYNRDSENSQSLGGQIVLGGSDPQHYEGNFHYINLIKTGVWQIQMKGVSVGSSTLLCEDGCLALVDTGASYISGSTSSIE
KLMEALGAKKRLFDYVVKCNEGPTLPDISFHLGGKEYTLTSADYVFQESYSSKKLCTLAIHAMDIPPPTGPTWALGATFI
RKFYTEFDRRNNRIGFALAR
;
_entity_poly.pdbx_strand_id   A,B
#
# COMPACT_ATOMS: atom_id res chain seq x y z
N THR A 2 -23.06 -25.87 -13.52
CA THR A 2 -22.06 -26.48 -14.39
C THR A 2 -20.76 -25.67 -14.36
N LEU A 3 -19.61 -26.38 -14.28
CA LEU A 3 -18.27 -25.78 -14.23
C LEU A 3 -17.41 -26.21 -15.44
N GLY A 4 -16.71 -25.23 -16.01
CA GLY A 4 -15.80 -25.41 -17.14
C GLY A 4 -14.37 -25.27 -16.65
N ASN A 5 -13.52 -24.57 -17.44
CA ASN A 5 -12.12 -24.31 -17.06
C ASN A 5 -11.65 -22.86 -17.36
N THR A 6 -12.58 -21.99 -17.80
CA THR A 6 -12.33 -20.57 -18.12
C THR A 6 -12.22 -19.68 -16.87
N THR A 7 -11.19 -18.83 -16.87
CA THR A 7 -10.93 -17.77 -15.93
C THR A 7 -10.84 -16.57 -16.86
N SER A 8 -11.62 -15.51 -16.59
CA SER A 8 -11.60 -14.34 -17.45
C SER A 8 -11.24 -13.12 -16.59
N SER A 9 -10.25 -12.35 -17.01
CA SER A 9 -9.83 -11.19 -16.24
C SER A 9 -10.09 -9.88 -16.97
N VAL A 10 -10.56 -8.88 -16.23
CA VAL A 10 -10.83 -7.55 -16.77
C VAL A 10 -9.89 -6.57 -16.04
N ILE A 11 -9.09 -5.81 -16.81
CA ILE A 11 -8.18 -4.78 -16.29
C ILE A 11 -9.00 -3.54 -15.89
N LEU A 12 -8.75 -3.02 -14.69
CA LEU A 12 -9.46 -1.84 -14.21
C LEU A 12 -8.56 -0.64 -14.18
N THR A 13 -9.16 0.53 -14.34
CA THR A 13 -8.49 1.82 -14.28
C THR A 13 -8.78 2.38 -12.90
N ASN A 14 -7.75 2.90 -12.25
CA ASN A 14 -7.91 3.51 -10.95
C ASN A 14 -7.94 5.02 -11.16
N TYR A 15 -9.10 5.63 -10.91
CA TYR A 15 -9.27 7.07 -10.93
C TYR A 15 -9.22 7.61 -9.49
N MET A 16 -8.10 8.28 -9.14
CA MET A 16 -7.88 8.96 -7.86
C MET A 16 -8.15 8.16 -6.58
N ASP A 17 -8.02 6.82 -6.60
CA ASP A 17 -8.32 5.92 -5.47
C ASP A 17 -9.80 5.92 -5.07
N THR A 18 -10.68 6.53 -5.88
CA THR A 18 -12.10 6.60 -5.54
C THR A 18 -12.99 5.91 -6.56
N GLN A 19 -12.52 5.71 -7.81
CA GLN A 19 -13.34 5.05 -8.84
C GLN A 19 -12.50 4.06 -9.58
N TYR A 20 -12.97 2.80 -9.65
CA TYR A 20 -12.28 1.72 -10.33
C TYR A 20 -13.27 1.20 -11.34
N TYR A 21 -12.87 1.20 -12.61
CA TYR A 21 -13.78 0.80 -13.68
C TYR A 21 -13.04 0.07 -14.77
N GLY A 22 -13.75 -0.76 -15.48
CA GLY A 22 -13.23 -1.53 -16.59
C GLY A 22 -14.16 -1.37 -17.77
N GLU A 23 -13.81 -1.96 -18.89
CA GLU A 23 -14.57 -1.86 -20.13
C GLU A 23 -15.40 -3.10 -20.40
N ILE A 24 -16.58 -2.87 -20.95
CA ILE A 24 -17.54 -3.88 -21.49
C ILE A 24 -17.95 -3.35 -22.90
N GLY A 25 -18.39 -4.25 -23.78
CA GLY A 25 -18.90 -3.94 -25.11
C GLY A 25 -20.34 -4.36 -25.21
N ILE A 26 -21.23 -3.44 -25.63
CA ILE A 26 -22.66 -3.78 -25.79
C ILE A 26 -23.11 -3.64 -27.26
N GLY A 27 -23.75 -4.70 -27.76
CA GLY A 27 -24.30 -4.72 -29.11
C GLY A 27 -23.40 -5.22 -30.22
N THR A 28 -23.96 -5.18 -31.45
CA THR A 28 -23.30 -5.59 -32.69
C THR A 28 -23.43 -4.45 -33.71
N PRO A 29 -22.33 -3.74 -34.09
CA PRO A 29 -20.95 -3.88 -33.56
C PRO A 29 -20.89 -3.37 -32.10
N PRO A 30 -19.86 -3.74 -31.30
CA PRO A 30 -19.85 -3.29 -29.90
C PRO A 30 -19.68 -1.77 -29.73
N GLN A 31 -20.43 -1.25 -28.75
CA GLN A 31 -20.39 0.11 -28.24
C GLN A 31 -19.75 -0.10 -26.85
N THR A 32 -18.59 0.52 -26.60
CA THR A 32 -17.85 0.32 -25.37
C THR A 32 -18.20 1.31 -24.30
N PHE A 33 -18.19 0.84 -23.03
CA PHE A 33 -18.52 1.66 -21.89
C PHE A 33 -17.60 1.34 -20.77
N LYS A 34 -17.32 2.38 -19.95
CA LYS A 34 -16.52 2.32 -18.72
C LYS A 34 -17.53 1.99 -17.63
N VAL A 35 -17.35 0.87 -16.95
CA VAL A 35 -18.31 0.42 -15.93
C VAL A 35 -17.64 0.07 -14.60
N VAL A 36 -18.37 0.30 -13.50
CA VAL A 36 -17.99 -0.10 -12.15
C VAL A 36 -18.52 -1.53 -11.97
N PHE A 37 -17.65 -2.47 -11.53
CA PHE A 37 -18.09 -3.83 -11.22
C PHE A 37 -18.41 -3.75 -9.74
N ASP A 38 -19.71 -3.73 -9.46
CA ASP A 38 -20.29 -3.37 -8.17
C ASP A 38 -21.01 -4.48 -7.38
N THR A 39 -20.43 -4.90 -6.24
CA THR A 39 -21.02 -5.94 -5.38
C THR A 39 -22.16 -5.38 -4.52
N GLY A 40 -22.29 -4.06 -4.46
CA GLY A 40 -23.37 -3.40 -3.75
C GLY A 40 -24.63 -3.12 -4.54
N SER A 41 -24.77 -3.70 -5.74
CA SER A 41 -25.96 -3.55 -6.60
C SER A 41 -26.05 -4.77 -7.53
N SER A 42 -27.23 -5.02 -8.16
CA SER A 42 -27.41 -6.22 -8.98
C SER A 42 -27.89 -5.97 -10.41
N ASN A 43 -27.91 -4.72 -10.85
CA ASN A 43 -28.37 -4.38 -12.20
C ASN A 43 -27.26 -3.86 -13.07
N VAL A 44 -27.36 -4.13 -14.37
CA VAL A 44 -26.45 -3.59 -15.36
C VAL A 44 -27.17 -2.40 -15.94
N TRP A 45 -26.49 -1.26 -16.06
CA TRP A 45 -27.03 -0.08 -16.70
C TRP A 45 -25.93 0.75 -17.32
N VAL A 46 -26.26 1.44 -18.41
CA VAL A 46 -25.38 2.38 -19.11
C VAL A 46 -26.23 3.60 -19.50
N PRO A 47 -25.65 4.81 -19.75
CA PRO A 47 -26.51 5.93 -20.21
C PRO A 47 -27.06 5.62 -21.61
N SER A 48 -28.27 6.12 -21.90
CA SER A 48 -28.97 5.85 -23.16
C SER A 48 -28.84 7.02 -24.16
N SER A 49 -28.98 6.72 -25.46
CA SER A 49 -29.01 7.76 -26.52
C SER A 49 -30.30 8.55 -26.39
N LYS A 50 -31.33 7.95 -25.76
CA LYS A 50 -32.64 8.55 -25.50
C LYS A 50 -32.64 9.43 -24.23
N CYS A 51 -31.47 9.64 -23.58
CA CYS A 51 -31.36 10.51 -22.41
C CYS A 51 -31.42 11.95 -22.86
N SER A 52 -32.36 12.77 -22.32
CA SER A 52 -32.44 14.19 -22.68
C SER A 52 -31.14 14.86 -22.36
N ARG A 53 -30.60 15.60 -23.36
CA ARG A 53 -29.32 16.33 -23.28
C ARG A 53 -29.37 17.51 -22.30
N LEU A 54 -30.55 17.72 -21.65
CA LEU A 54 -30.78 18.62 -20.55
C LEU A 54 -30.23 17.97 -19.23
N TYR A 55 -29.98 16.62 -19.24
CA TYR A 55 -29.24 15.93 -18.19
C TYR A 55 -27.81 16.01 -18.72
N THR A 56 -27.04 17.01 -18.22
CA THR A 56 -25.65 17.29 -18.63
C THR A 56 -24.72 16.10 -18.43
N ALA A 57 -24.97 15.22 -17.43
CA ALA A 57 -24.18 14.00 -17.25
C ALA A 57 -24.29 13.13 -18.50
N CYS A 58 -25.41 13.18 -19.24
CA CYS A 58 -25.53 12.44 -20.48
C CYS A 58 -24.69 13.02 -21.65
N VAL A 59 -24.45 14.34 -21.66
CA VAL A 59 -23.61 15.02 -22.66
C VAL A 59 -22.14 14.57 -22.45
N TYR A 60 -21.72 14.35 -21.18
CA TYR A 60 -20.34 14.00 -20.76
C TYR A 60 -20.04 12.51 -20.61
N HIS A 61 -20.97 11.66 -21.08
CA HIS A 61 -20.78 10.23 -21.04
C HIS A 61 -21.12 9.56 -22.37
N LYS A 62 -20.63 8.34 -22.54
CA LYS A 62 -20.91 7.49 -23.69
C LYS A 62 -22.35 7.00 -23.54
N LEU A 63 -23.12 7.04 -24.64
CA LEU A 63 -24.54 6.65 -24.61
C LEU A 63 -24.79 5.48 -25.50
N PHE A 64 -25.63 4.54 -25.05
CA PHE A 64 -25.99 3.39 -25.84
C PHE A 64 -27.06 3.74 -26.86
N ASP A 65 -26.79 3.42 -28.14
CA ASP A 65 -27.73 3.64 -29.23
C ASP A 65 -28.17 2.30 -29.78
N ALA A 66 -29.39 1.88 -29.44
CA ALA A 66 -29.98 0.61 -29.85
C ALA A 66 -30.14 0.55 -31.39
N SER A 67 -30.35 1.71 -32.02
CA SER A 67 -30.53 1.92 -33.47
C SER A 67 -29.28 1.56 -34.27
N ASP A 68 -28.11 1.39 -33.60
CA ASP A 68 -26.86 1.01 -34.23
C ASP A 68 -26.47 -0.43 -33.94
N SER A 69 -27.35 -1.17 -33.24
CA SER A 69 -27.07 -2.55 -32.86
C SER A 69 -28.06 -3.53 -33.50
N SER A 70 -27.52 -4.50 -34.29
CA SER A 70 -28.31 -5.52 -34.98
C SER A 70 -28.77 -6.65 -34.04
N SER A 71 -28.08 -6.82 -32.89
CA SER A 71 -28.37 -7.86 -31.90
C SER A 71 -29.32 -7.40 -30.78
N TYR A 72 -29.73 -6.13 -30.80
CA TYR A 72 -30.62 -5.53 -29.82
C TYR A 72 -32.01 -6.16 -29.86
N LYS A 73 -32.58 -6.41 -28.66
CA LYS A 73 -33.94 -6.93 -28.51
C LYS A 73 -34.69 -5.99 -27.56
N HIS A 74 -35.75 -5.39 -28.05
CA HIS A 74 -36.56 -4.43 -27.30
C HIS A 74 -37.26 -5.03 -26.08
N ASN A 75 -37.38 -4.24 -25.00
CA ASN A 75 -38.16 -4.60 -23.83
C ASN A 75 -39.02 -3.41 -23.45
N GLY A 76 -38.40 -2.34 -22.98
CA GLY A 76 -39.13 -1.11 -22.69
C GLY A 76 -39.67 -0.90 -21.30
N THR A 77 -39.66 -1.95 -20.44
CA THR A 77 -40.13 -1.88 -19.05
C THR A 77 -39.36 -0.80 -18.29
N GLU A 78 -40.10 0.09 -17.60
CA GLU A 78 -39.53 1.16 -16.78
C GLU A 78 -38.65 0.57 -15.68
N LEU A 79 -37.60 1.30 -15.31
CA LEU A 79 -36.66 0.88 -14.30
C LEU A 79 -36.17 2.09 -13.52
N THR A 80 -36.29 2.04 -12.18
CA THR A 80 -35.81 3.07 -11.27
C THR A 80 -34.86 2.42 -10.30
N LEU A 81 -33.62 2.93 -10.25
CA LEU A 81 -32.58 2.42 -9.35
C LEU A 81 -32.25 3.50 -8.33
N ARG A 82 -32.75 3.32 -7.13
CA ARG A 82 -32.53 4.28 -6.05
C ARG A 82 -31.35 3.81 -5.24
N TYR A 83 -30.24 4.51 -5.36
CA TYR A 83 -29.01 4.20 -4.65
C TYR A 83 -28.82 5.20 -3.50
N SER A 84 -27.82 4.94 -2.65
CA SER A 84 -27.43 5.78 -1.53
C SER A 84 -26.87 7.14 -2.00
N THR A 85 -26.27 7.17 -3.19
CA THR A 85 -25.64 8.37 -3.74
C THR A 85 -26.57 9.18 -4.67
N GLY A 86 -27.67 8.58 -5.06
CA GLY A 86 -28.62 9.18 -5.97
C GLY A 86 -29.50 8.16 -6.68
N THR A 87 -30.32 8.62 -7.63
CA THR A 87 -31.25 7.79 -8.40
C THR A 87 -30.97 7.94 -9.88
N VAL A 88 -31.10 6.83 -10.61
CA VAL A 88 -31.03 6.77 -12.07
C VAL A 88 -32.30 6.11 -12.51
N SER A 89 -32.78 6.50 -13.65
CA SER A 89 -34.03 5.95 -14.14
C SER A 89 -33.96 5.76 -15.68
N GLY A 90 -34.71 4.80 -16.16
CA GLY A 90 -34.78 4.52 -17.58
C GLY A 90 -35.65 3.33 -17.88
N PHE A 91 -35.23 2.51 -18.83
CA PHE A 91 -35.99 1.33 -19.26
C PHE A 91 -35.07 0.13 -19.58
N LEU A 92 -35.66 -1.06 -19.59
CA LEU A 92 -34.98 -2.33 -19.86
C LEU A 92 -34.78 -2.56 -21.37
N SER A 93 -33.59 -3.08 -21.73
CA SER A 93 -33.20 -3.46 -23.10
C SER A 93 -32.39 -4.72 -23.04
N GLN A 94 -32.31 -5.47 -24.13
CA GLN A 94 -31.50 -6.69 -24.16
C GLN A 94 -30.54 -6.62 -25.32
N ASP A 95 -29.30 -7.06 -25.08
CA ASP A 95 -28.28 -7.12 -26.11
C ASP A 95 -27.16 -8.01 -25.64
N ILE A 96 -26.19 -8.23 -26.53
CA ILE A 96 -25.01 -9.03 -26.22
C ILE A 96 -23.98 -8.14 -25.55
N ILE A 97 -23.49 -8.59 -24.39
CA ILE A 97 -22.45 -7.88 -23.62
C ILE A 97 -21.15 -8.71 -23.61
N THR A 98 -20.03 -8.07 -23.91
CA THR A 98 -18.71 -8.72 -23.83
C THR A 98 -17.99 -8.17 -22.62
N VAL A 99 -17.63 -9.08 -21.72
CA VAL A 99 -16.90 -8.76 -20.50
C VAL A 99 -15.70 -9.71 -20.43
N GLY A 100 -14.50 -9.16 -20.59
CA GLY A 100 -13.22 -9.85 -20.59
C GLY A 100 -13.09 -11.04 -21.51
N GLY A 101 -13.81 -11.10 -22.61
CA GLY A 101 -13.71 -12.29 -23.46
C GLY A 101 -14.91 -13.21 -23.38
N ILE A 102 -15.70 -13.12 -22.29
CA ILE A 102 -16.97 -13.83 -22.17
C ILE A 102 -18.04 -12.95 -22.84
N THR A 103 -18.88 -13.57 -23.67
CA THR A 103 -19.99 -12.96 -24.37
C THR A 103 -21.24 -13.52 -23.73
N VAL A 104 -22.15 -12.65 -23.29
CA VAL A 104 -23.40 -13.05 -22.66
C VAL A 104 -24.58 -12.17 -23.15
N THR A 105 -25.75 -12.78 -23.39
CA THR A 105 -26.98 -12.08 -23.75
C THR A 105 -27.50 -11.54 -22.43
N GLN A 106 -27.64 -10.20 -22.32
CA GLN A 106 -27.99 -9.59 -21.05
C GLN A 106 -29.11 -8.56 -21.09
N MET A 107 -29.98 -8.60 -20.08
CA MET A 107 -31.03 -7.61 -19.89
C MET A 107 -30.39 -6.51 -19.03
N PHE A 108 -30.40 -5.29 -19.58
CA PHE A 108 -29.76 -4.17 -18.89
C PHE A 108 -30.66 -2.94 -18.99
N GLY A 109 -30.37 -1.96 -18.15
CA GLY A 109 -31.10 -0.70 -18.12
C GLY A 109 -30.43 0.36 -18.99
N GLU A 110 -31.23 1.01 -19.82
CA GLU A 110 -30.86 2.14 -20.68
C GLU A 110 -31.31 3.38 -19.89
N VAL A 111 -30.35 4.07 -19.26
CA VAL A 111 -30.69 5.20 -18.36
C VAL A 111 -30.98 6.50 -19.15
N THR A 112 -32.15 7.07 -18.90
CA THR A 112 -32.57 8.30 -19.56
C THR A 112 -32.63 9.49 -18.57
N GLU A 113 -32.43 9.24 -17.26
CA GLU A 113 -32.47 10.27 -16.22
C GLU A 113 -31.28 10.08 -15.34
N MET A 114 -30.26 10.94 -15.57
CA MET A 114 -28.94 10.85 -14.95
C MET A 114 -28.57 12.17 -14.27
N PRO A 115 -28.84 12.32 -12.96
CA PRO A 115 -28.55 13.58 -12.24
C PRO A 115 -27.08 14.02 -12.24
N ALA A 116 -26.85 15.32 -12.52
CA ALA A 116 -25.51 15.93 -12.57
C ALA A 116 -24.77 15.66 -11.29
N LEU A 117 -25.52 15.60 -10.16
CA LEU A 117 -24.97 15.24 -8.85
C LEU A 117 -25.54 13.87 -8.54
N PRO A 118 -24.72 12.80 -8.55
CA PRO A 118 -23.24 12.77 -8.63
C PRO A 118 -22.60 12.47 -9.98
N PHE A 119 -23.40 12.07 -10.98
CA PHE A 119 -22.90 11.52 -12.23
C PHE A 119 -22.00 12.45 -13.07
N MET A 120 -21.92 13.77 -12.80
CA MET A 120 -20.96 14.63 -13.51
C MET A 120 -19.54 14.41 -12.94
N LEU A 121 -19.44 13.80 -11.72
CA LEU A 121 -18.17 13.47 -11.07
C LEU A 121 -17.67 12.07 -11.46
N ALA A 122 -18.52 11.31 -12.16
CA ALA A 122 -18.25 9.94 -12.59
C ALA A 122 -17.38 9.89 -13.83
N GLU A 123 -16.29 9.11 -13.74
CA GLU A 123 -15.37 8.83 -14.84
C GLU A 123 -15.88 7.65 -15.63
N PHE A 124 -16.67 6.82 -14.99
CA PHE A 124 -17.29 5.68 -15.62
C PHE A 124 -18.60 6.16 -16.25
N ASP A 125 -19.13 5.35 -17.18
CA ASP A 125 -20.42 5.61 -17.83
C ASP A 125 -21.55 4.93 -17.09
N GLY A 126 -21.35 3.69 -16.72
CA GLY A 126 -22.40 2.89 -16.10
C GLY A 126 -21.94 1.92 -15.05
N VAL A 127 -22.83 0.97 -14.73
CA VAL A 127 -22.58 0.03 -13.64
C VAL A 127 -22.90 -1.41 -14.02
N VAL A 128 -22.05 -2.34 -13.59
CA VAL A 128 -22.23 -3.77 -13.71
C VAL A 128 -22.45 -4.30 -12.28
N GLY A 129 -23.71 -4.56 -11.94
CA GLY A 129 -24.08 -5.13 -10.65
C GLY A 129 -23.59 -6.55 -10.52
N MET A 130 -22.76 -6.80 -9.48
CA MET A 130 -22.15 -8.08 -9.12
C MET A 130 -22.88 -8.70 -7.92
N GLY A 131 -23.99 -8.06 -7.50
CA GLY A 131 -24.85 -8.53 -6.42
C GLY A 131 -25.76 -9.68 -6.86
N PHE A 132 -26.50 -10.26 -5.90
CA PHE A 132 -27.40 -11.40 -6.14
C PHE A 132 -28.74 -10.97 -6.78
N ILE A 133 -29.47 -11.92 -7.40
CA ILE A 133 -30.79 -11.71 -8.02
C ILE A 133 -31.84 -11.20 -7.01
N GLU A 134 -31.71 -11.59 -5.74
CA GLU A 134 -32.61 -11.18 -4.65
C GLU A 134 -32.72 -9.64 -4.53
N GLN A 135 -31.65 -8.90 -4.92
CA GLN A 135 -31.60 -7.43 -4.83
C GLN A 135 -31.67 -6.74 -6.18
N ALA A 136 -31.95 -7.52 -7.25
CA ALA A 136 -32.09 -7.00 -8.61
C ALA A 136 -33.44 -6.33 -8.79
N ILE A 137 -33.42 -5.05 -9.22
CA ILE A 137 -34.66 -4.27 -9.46
C ILE A 137 -35.30 -4.79 -10.74
N GLY A 138 -36.62 -4.99 -10.69
CA GLY A 138 -37.40 -5.53 -11.81
C GLY A 138 -37.19 -7.02 -12.02
N ARG A 139 -36.55 -7.69 -11.03
CA ARG A 139 -36.22 -9.12 -11.00
C ARG A 139 -35.45 -9.55 -12.27
N VAL A 140 -34.53 -8.68 -12.74
CA VAL A 140 -33.70 -8.92 -13.91
C VAL A 140 -32.57 -9.87 -13.51
N THR A 141 -32.31 -10.92 -14.30
CA THR A 141 -31.21 -11.84 -14.00
C THR A 141 -29.84 -11.11 -14.08
N PRO A 142 -29.07 -11.07 -12.96
CA PRO A 142 -27.75 -10.40 -12.98
C PRO A 142 -26.78 -11.09 -13.94
N ILE A 143 -25.84 -10.30 -14.50
CA ILE A 143 -24.84 -10.76 -15.46
C ILE A 143 -24.04 -11.99 -14.98
N PHE A 144 -23.66 -12.07 -13.68
CA PHE A 144 -22.85 -13.19 -13.21
C PHE A 144 -23.64 -14.51 -13.24
N ASP A 145 -24.94 -14.46 -12.89
CA ASP A 145 -25.86 -15.62 -12.97
C ASP A 145 -25.91 -16.14 -14.40
N ASN A 146 -26.00 -15.23 -15.38
CA ASN A 146 -26.05 -15.59 -16.79
C ASN A 146 -24.76 -16.19 -17.27
N ILE A 147 -23.62 -15.71 -16.75
CA ILE A 147 -22.30 -16.25 -17.09
C ILE A 147 -22.18 -17.68 -16.49
N ILE A 148 -22.66 -17.88 -15.24
CA ILE A 148 -22.70 -19.18 -14.58
C ILE A 148 -23.49 -20.21 -15.44
N SER A 149 -24.67 -19.80 -15.98
CA SER A 149 -25.52 -20.63 -16.84
C SER A 149 -24.76 -21.17 -18.07
N GLN A 150 -23.72 -20.48 -18.55
CA GLN A 150 -22.92 -20.95 -19.69
C GLN A 150 -22.04 -22.15 -19.31
N GLY A 151 -21.82 -22.36 -18.01
CA GLY A 151 -20.98 -23.42 -17.48
C GLY A 151 -19.57 -23.44 -18.04
N VAL A 152 -18.96 -22.25 -18.18
CA VAL A 152 -17.61 -22.10 -18.74
C VAL A 152 -16.54 -21.77 -17.66
N LEU A 153 -16.96 -21.20 -16.53
CA LEU A 153 -16.05 -20.81 -15.44
C LEU A 153 -15.48 -21.99 -14.63
N LYS A 154 -14.19 -21.94 -14.25
CA LYS A 154 -13.57 -22.98 -13.42
C LYS A 154 -14.26 -23.04 -12.06
N GLU A 155 -14.59 -21.87 -11.48
CA GLU A 155 -15.29 -21.76 -10.21
C GLU A 155 -16.38 -20.67 -10.24
N ASP A 156 -17.38 -20.83 -9.39
CA ASP A 156 -18.54 -19.96 -9.22
C ASP A 156 -18.11 -18.81 -8.28
N VAL A 157 -16.99 -18.16 -8.61
CA VAL A 157 -16.41 -17.08 -7.81
C VAL A 157 -15.93 -15.93 -8.72
N PHE A 158 -15.69 -14.76 -8.14
CA PHE A 158 -15.09 -13.61 -8.82
C PHE A 158 -14.27 -12.88 -7.78
N SER A 159 -13.16 -12.23 -8.19
CA SER A 159 -12.23 -11.59 -7.28
C SER A 159 -11.84 -10.22 -7.73
N PHE A 160 -11.48 -9.38 -6.75
CA PHE A 160 -11.11 -8.00 -6.95
C PHE A 160 -9.79 -7.68 -6.36
N TYR A 161 -9.00 -6.96 -7.17
CA TYR A 161 -7.74 -6.40 -6.77
C TYR A 161 -7.86 -4.93 -7.08
N TYR A 162 -7.64 -4.06 -6.08
CA TYR A 162 -7.65 -2.60 -6.25
C TYR A 162 -6.27 -2.08 -5.87
N ASN A 163 -5.58 -1.45 -6.81
CA ASN A 163 -4.23 -0.90 -6.53
C ASN A 163 -4.33 0.49 -5.89
N ARG A 164 -3.19 0.96 -5.34
CA ARG A 164 -2.94 2.29 -4.78
C ARG A 164 -2.64 3.20 -5.98
N ASP A 165 -3.18 4.43 -5.98
CA ASP A 165 -3.05 5.34 -7.12
C ASP A 165 -1.66 5.83 -7.39
N SER A 166 -1.05 5.20 -8.39
CA SER A 166 0.24 5.58 -8.91
C SER A 166 0.00 6.54 -10.09
N GLU A 167 0.93 7.46 -10.31
CA GLU A 167 0.88 8.40 -11.43
C GLU A 167 1.55 7.75 -12.67
N ASN A 168 2.27 6.62 -12.45
CA ASN A 168 2.93 5.85 -13.51
C ASN A 168 1.87 5.14 -14.31
N SER A 169 2.03 5.19 -15.63
CA SER A 169 1.14 4.58 -16.60
C SER A 169 1.30 3.05 -16.60
N GLN A 170 2.53 2.57 -16.27
CA GLN A 170 2.88 1.14 -16.20
C GLN A 170 2.14 0.41 -15.05
N SER A 171 1.53 1.19 -14.14
CA SER A 171 0.75 0.71 -13.01
C SER A 171 -0.65 0.25 -13.42
N LEU A 172 -0.98 -0.97 -13.02
CA LEU A 172 -2.29 -1.60 -13.23
C LEU A 172 -3.24 -1.00 -12.16
N GLY A 173 -4.32 -0.33 -12.58
CA GLY A 173 -5.29 0.26 -11.65
C GLY A 173 -6.00 -0.74 -10.74
N GLY A 174 -6.26 -1.92 -11.28
CA GLY A 174 -6.94 -3.02 -10.61
C GLY A 174 -7.26 -4.12 -11.59
N GLN A 175 -7.94 -5.15 -11.10
CA GLN A 175 -8.28 -6.32 -11.89
C GLN A 175 -9.38 -7.13 -11.21
N ILE A 176 -10.41 -7.50 -12.00
CA ILE A 176 -11.49 -8.41 -11.64
C ILE A 176 -11.25 -9.75 -12.39
N VAL A 177 -11.21 -10.86 -11.63
CA VAL A 177 -11.08 -12.21 -12.18
C VAL A 177 -12.44 -12.88 -12.02
N LEU A 178 -13.04 -13.33 -13.13
CA LEU A 178 -14.29 -14.08 -13.15
C LEU A 178 -13.90 -15.53 -13.20
N GLY A 179 -14.38 -16.30 -12.25
CA GLY A 179 -14.11 -17.73 -12.22
C GLY A 179 -12.98 -18.20 -11.33
N GLY A 180 -12.31 -17.25 -10.69
CA GLY A 180 -11.20 -17.56 -9.80
C GLY A 180 -10.59 -16.35 -9.15
N SER A 181 -9.35 -16.50 -8.69
CA SER A 181 -8.50 -15.47 -8.08
C SER A 181 -7.14 -15.43 -8.75
N ASP A 182 -6.45 -14.29 -8.67
CA ASP A 182 -5.12 -14.13 -9.26
C ASP A 182 -4.06 -14.17 -8.14
N PRO A 183 -3.29 -15.30 -8.01
CA PRO A 183 -2.26 -15.37 -6.95
C PRO A 183 -1.14 -14.34 -7.05
N GLN A 184 -0.99 -13.69 -8.22
CA GLN A 184 -0.03 -12.62 -8.44
C GLN A 184 -0.40 -11.35 -7.67
N HIS A 185 -1.66 -11.23 -7.18
CA HIS A 185 -2.13 -10.00 -6.51
C HIS A 185 -2.54 -10.16 -5.04
N TYR A 186 -2.17 -11.29 -4.42
CA TYR A 186 -2.34 -11.54 -2.99
C TYR A 186 -1.21 -12.46 -2.51
N GLU A 187 -1.00 -12.48 -1.19
CA GLU A 187 -0.03 -13.35 -0.57
C GLU A 187 -0.66 -13.97 0.68
N GLY A 188 -0.02 -14.98 1.26
CA GLY A 188 -0.57 -15.74 2.38
C GLY A 188 -1.78 -16.53 1.89
N ASN A 189 -2.65 -16.88 2.81
CA ASN A 189 -3.87 -17.60 2.42
C ASN A 189 -5.11 -16.78 2.67
N PHE A 190 -6.19 -17.18 2.00
CA PHE A 190 -7.51 -16.61 2.14
C PHE A 190 -8.09 -17.09 3.44
N HIS A 191 -8.80 -16.18 4.11
CA HIS A 191 -9.57 -16.40 5.33
C HIS A 191 -10.99 -16.02 4.96
N TYR A 192 -11.90 -17.03 5.02
CA TYR A 192 -13.30 -16.87 4.63
C TYR A 192 -14.21 -16.58 5.80
N ILE A 193 -15.21 -15.76 5.54
CA ILE A 193 -16.28 -15.36 6.45
C ILE A 193 -17.54 -15.68 5.67
N ASN A 194 -18.45 -16.45 6.25
CA ASN A 194 -19.70 -16.82 5.57
C ASN A 194 -20.64 -15.63 5.52
N LEU A 195 -21.55 -15.63 4.52
CA LEU A 195 -22.53 -14.57 4.40
C LEU A 195 -23.59 -14.77 5.48
N ILE A 196 -24.13 -13.68 6.02
CA ILE A 196 -25.24 -13.71 6.98
C ILE A 196 -26.37 -14.55 6.31
N LYS A 197 -26.67 -14.23 5.05
CA LYS A 197 -27.66 -14.89 4.21
C LYS A 197 -27.30 -14.68 2.74
N THR A 198 -27.73 -15.63 1.88
CA THR A 198 -27.56 -15.51 0.43
C THR A 198 -28.42 -14.29 -0.03
N GLY A 199 -28.02 -13.65 -1.13
CA GLY A 199 -28.74 -12.49 -1.61
C GLY A 199 -28.07 -11.15 -1.35
N VAL A 200 -27.12 -11.09 -0.41
CA VAL A 200 -26.39 -9.86 -0.07
C VAL A 200 -24.91 -10.19 0.22
N TRP A 201 -23.95 -9.40 -0.33
CA TRP A 201 -22.51 -9.59 -0.04
C TRP A 201 -22.21 -8.89 1.28
N GLN A 202 -22.82 -9.42 2.34
CA GLN A 202 -22.79 -8.87 3.70
C GLN A 202 -22.45 -9.95 4.71
N ILE A 203 -21.53 -9.63 5.63
CA ILE A 203 -21.04 -10.55 6.65
C ILE A 203 -21.20 -9.94 8.05
N GLN A 204 -21.08 -10.79 9.09
CA GLN A 204 -21.09 -10.36 10.48
C GLN A 204 -19.73 -9.76 10.82
N MET A 205 -19.74 -8.61 11.50
CA MET A 205 -18.53 -7.97 11.99
C MET A 205 -18.61 -8.02 13.54
N LYS A 206 -17.55 -8.56 14.18
CA LYS A 206 -17.48 -8.80 15.63
C LYS A 206 -17.14 -7.57 16.47
N GLY A 207 -16.47 -6.58 15.87
CA GLY A 207 -16.06 -5.35 16.54
C GLY A 207 -15.15 -4.49 15.69
N VAL A 208 -15.09 -3.18 16.00
CA VAL A 208 -14.24 -2.18 15.31
C VAL A 208 -13.37 -1.46 16.37
N SER A 209 -12.04 -1.59 16.27
CA SER A 209 -11.09 -0.97 17.20
C SER A 209 -10.33 0.22 16.60
N VAL A 210 -10.26 1.32 17.36
CA VAL A 210 -9.49 2.51 16.98
C VAL A 210 -8.39 2.62 18.01
N GLY A 211 -7.18 2.17 17.63
CA GLY A 211 -6.01 2.12 18.49
C GLY A 211 -6.19 1.11 19.61
N SER A 212 -5.92 1.58 20.85
CA SER A 212 -6.03 0.75 22.04
C SER A 212 -7.33 1.01 22.80
N SER A 213 -7.54 2.29 23.23
CA SER A 213 -8.65 2.75 24.09
C SER A 213 -10.05 2.82 23.43
N THR A 214 -10.19 3.23 22.14
CA THR A 214 -11.52 3.34 21.51
C THR A 214 -12.03 1.98 20.95
N LEU A 215 -13.35 1.70 21.17
CA LEU A 215 -14.04 0.48 20.75
C LEU A 215 -15.45 0.78 20.25
N LEU A 216 -15.81 0.18 19.11
CA LEU A 216 -17.11 0.34 18.45
C LEU A 216 -17.58 -1.04 17.99
N CYS A 217 -18.88 -1.18 17.60
CA CYS A 217 -19.45 -2.47 17.15
C CYS A 217 -19.17 -3.56 18.24
N GLU A 218 -19.16 -3.11 19.51
CA GLU A 218 -18.89 -3.88 20.72
C GLU A 218 -19.82 -5.08 20.89
N ASP A 219 -21.10 -4.96 20.45
CA ASP A 219 -22.08 -6.05 20.54
C ASP A 219 -22.36 -6.70 19.16
N GLY A 220 -21.44 -6.50 18.21
CA GLY A 220 -21.55 -7.03 16.86
C GLY A 220 -22.35 -6.14 15.94
N CYS A 221 -22.05 -6.21 14.63
CA CYS A 221 -22.69 -5.42 13.59
C CYS A 221 -22.54 -6.09 12.22
N LEU A 222 -23.00 -5.40 11.18
CA LEU A 222 -22.94 -5.92 9.82
C LEU A 222 -21.91 -5.19 8.98
N ALA A 223 -21.34 -5.89 7.99
CA ALA A 223 -20.37 -5.33 7.06
C ALA A 223 -20.70 -5.75 5.62
N LEU A 224 -21.14 -4.78 4.82
CA LEU A 224 -21.42 -5.01 3.39
C LEU A 224 -20.08 -4.82 2.66
N VAL A 225 -19.64 -5.81 1.87
CA VAL A 225 -18.36 -5.72 1.16
C VAL A 225 -18.69 -5.17 -0.23
N ASP A 226 -18.49 -3.85 -0.39
CA ASP A 226 -18.94 -3.08 -1.55
C ASP A 226 -17.82 -2.58 -2.46
N THR A 227 -17.67 -3.21 -3.63
CA THR A 227 -16.66 -2.86 -4.63
C THR A 227 -16.94 -1.51 -5.32
N GLY A 228 -18.20 -1.10 -5.30
CA GLY A 228 -18.66 0.16 -5.87
C GLY A 228 -18.69 1.33 -4.92
N ALA A 229 -18.22 1.14 -3.69
CA ALA A 229 -18.14 2.23 -2.71
C ALA A 229 -16.68 2.63 -2.58
N SER A 230 -16.39 3.92 -2.56
CA SER A 230 -15.01 4.43 -2.49
C SER A 230 -14.40 4.24 -1.13
N TYR A 231 -15.18 4.55 -0.11
CA TYR A 231 -14.74 4.62 1.25
C TYR A 231 -15.31 3.55 2.10
N ILE A 232 -14.71 3.39 3.27
CA ILE A 232 -15.27 2.56 4.31
C ILE A 232 -16.39 3.45 4.90
N SER A 233 -17.56 2.87 5.13
CA SER A 233 -18.64 3.65 5.74
C SER A 233 -19.30 2.98 6.96
N GLY A 234 -19.77 3.80 7.87
CA GLY A 234 -20.51 3.39 9.05
C GLY A 234 -21.72 4.28 9.19
N SER A 235 -22.56 4.03 10.21
CA SER A 235 -23.72 4.87 10.51
C SER A 235 -23.20 6.21 11.04
N THR A 236 -24.03 7.27 10.96
CA THR A 236 -23.68 8.62 11.44
C THR A 236 -23.19 8.57 12.89
N SER A 237 -23.84 7.75 13.75
CA SER A 237 -23.46 7.64 15.16
C SER A 237 -22.07 7.01 15.33
N SER A 238 -21.83 5.86 14.67
CA SER A 238 -20.54 5.15 14.70
C SER A 238 -19.39 6.04 14.21
N ILE A 239 -19.62 6.76 13.09
CA ILE A 239 -18.61 7.62 12.49
C ILE A 239 -18.34 8.84 13.37
N GLU A 240 -19.35 9.35 14.07
CA GLU A 240 -19.16 10.46 15.02
C GLU A 240 -18.17 10.04 16.13
N LYS A 241 -18.36 8.85 16.74
CA LYS A 241 -17.47 8.33 17.78
C LYS A 241 -16.07 8.04 17.22
N LEU A 242 -16.00 7.39 16.02
CA LEU A 242 -14.74 7.06 15.34
C LEU A 242 -13.92 8.32 15.05
N MET A 243 -14.54 9.35 14.49
CA MET A 243 -13.86 10.60 14.12
C MET A 243 -13.41 11.44 15.31
N GLU A 244 -14.16 11.37 16.43
CA GLU A 244 -13.84 12.03 17.69
C GLU A 244 -12.51 11.45 18.19
N ALA A 245 -12.38 10.10 18.16
CA ALA A 245 -11.18 9.35 18.55
C ALA A 245 -9.98 9.68 17.67
N LEU A 246 -10.19 10.07 16.40
CA LEU A 246 -9.11 10.43 15.47
C LEU A 246 -8.76 11.93 15.55
N GLY A 247 -9.65 12.75 16.11
CA GLY A 247 -9.46 14.19 16.21
C GLY A 247 -9.75 14.88 14.90
N ALA A 248 -10.60 14.22 14.08
CA ALA A 248 -11.04 14.68 12.76
C ALA A 248 -12.25 15.59 12.86
N LYS A 249 -12.28 16.61 11.95
CA LYS A 249 -13.32 17.63 11.80
C LYS A 249 -14.26 17.33 10.61
N LYS A 250 -15.56 17.35 10.90
CA LYS A 250 -16.63 17.12 9.93
C LYS A 250 -16.81 18.29 9.00
N ARG A 251 -16.92 17.99 7.70
CA ARG A 251 -17.22 18.98 6.68
C ARG A 251 -18.59 18.62 6.07
N LEU A 252 -18.93 19.17 4.87
CA LEU A 252 -20.21 18.91 4.20
C LEU A 252 -20.42 17.43 3.83
N PHE A 253 -19.43 16.84 3.12
CA PHE A 253 -19.50 15.46 2.63
C PHE A 253 -18.43 14.52 3.16
N ASP A 254 -17.31 15.06 3.67
CA ASP A 254 -16.22 14.23 4.20
C ASP A 254 -15.75 14.66 5.59
N TYR A 255 -14.71 13.99 6.09
CA TYR A 255 -14.00 14.22 7.33
C TYR A 255 -12.54 14.47 7.00
N VAL A 256 -11.95 15.45 7.66
CA VAL A 256 -10.57 15.85 7.46
C VAL A 256 -9.79 15.89 8.78
N VAL A 257 -8.46 15.95 8.67
CA VAL A 257 -7.45 16.13 9.71
C VAL A 257 -6.46 17.12 9.14
N LYS A 258 -5.71 17.81 9.99
CA LYS A 258 -4.62 18.68 9.53
C LYS A 258 -3.59 17.70 8.96
N CYS A 259 -3.15 17.90 7.71
CA CYS A 259 -2.24 17.00 7.01
C CYS A 259 -1.06 16.50 7.86
N ASN A 260 -0.37 17.39 8.61
CA ASN A 260 0.77 17.07 9.47
C ASN A 260 0.39 16.05 10.56
N GLU A 261 -0.87 16.08 10.97
CA GLU A 261 -1.37 15.16 12.00
C GLU A 261 -1.69 13.76 11.46
N GLY A 262 -1.91 13.68 10.14
CA GLY A 262 -2.27 12.46 9.41
C GLY A 262 -1.42 11.22 9.71
N PRO A 263 -0.07 11.31 9.61
CA PRO A 263 0.76 10.12 9.87
C PRO A 263 0.81 9.64 11.33
N THR A 264 0.17 10.35 12.24
CA THR A 264 0.19 10.06 13.67
C THR A 264 -1.06 9.30 14.13
N LEU A 265 -2.14 9.34 13.33
CA LEU A 265 -3.44 8.73 13.60
C LEU A 265 -3.34 7.23 13.90
N PRO A 266 -4.19 6.70 14.82
CA PRO A 266 -4.08 5.27 15.19
C PRO A 266 -4.54 4.30 14.13
N ASP A 267 -4.25 3.00 14.33
CA ASP A 267 -4.69 1.93 13.44
C ASP A 267 -6.17 1.69 13.66
N ILE A 268 -6.89 1.31 12.61
CA ILE A 268 -8.30 0.94 12.71
C ILE A 268 -8.37 -0.52 12.34
N SER A 269 -9.00 -1.33 13.21
CA SER A 269 -9.09 -2.77 13.03
C SER A 269 -10.51 -3.23 12.97
N PHE A 270 -10.81 -4.11 12.02
CA PHE A 270 -12.14 -4.67 11.78
C PHE A 270 -12.06 -6.16 12.05
N HIS A 271 -12.82 -6.62 13.05
CA HIS A 271 -12.85 -8.02 13.43
C HIS A 271 -13.87 -8.77 12.56
N LEU A 272 -13.36 -9.55 11.61
CA LEU A 272 -14.18 -10.31 10.66
C LEU A 272 -13.80 -11.78 10.76
N GLY A 273 -14.79 -12.64 11.03
CA GLY A 273 -14.56 -14.07 11.19
C GLY A 273 -13.51 -14.30 12.28
N GLY A 274 -12.53 -15.13 11.99
CA GLY A 274 -11.45 -15.39 12.94
C GLY A 274 -10.31 -14.39 12.98
N LYS A 275 -10.21 -13.46 11.98
CA LYS A 275 -9.08 -12.51 11.89
C LYS A 275 -9.41 -11.03 12.12
N GLU A 276 -8.40 -10.26 12.55
CA GLU A 276 -8.46 -8.80 12.70
C GLU A 276 -7.83 -8.20 11.43
N TYR A 277 -8.57 -7.31 10.76
CA TYR A 277 -8.19 -6.66 9.51
C TYR A 277 -7.85 -5.21 9.83
N THR A 278 -6.55 -4.92 9.87
CA THR A 278 -6.01 -3.64 10.30
C THR A 278 -5.55 -2.74 9.17
N LEU A 279 -5.98 -1.49 9.27
CA LEU A 279 -5.63 -0.41 8.38
C LEU A 279 -4.85 0.63 9.21
N THR A 280 -3.68 1.04 8.72
CA THR A 280 -2.86 2.07 9.36
C THR A 280 -3.33 3.41 8.79
N SER A 281 -2.83 4.53 9.34
CA SER A 281 -3.18 5.87 8.85
C SER A 281 -2.85 6.05 7.36
N ALA A 282 -1.77 5.42 6.88
CA ALA A 282 -1.36 5.44 5.48
C ALA A 282 -2.41 4.80 4.58
N ASP A 283 -3.22 3.88 5.13
CA ASP A 283 -4.28 3.17 4.42
C ASP A 283 -5.59 3.93 4.34
N TYR A 284 -5.88 4.84 5.29
CA TYR A 284 -7.14 5.57 5.28
C TYR A 284 -7.00 7.09 5.16
N VAL A 285 -5.77 7.63 5.15
CA VAL A 285 -5.59 9.09 5.03
C VAL A 285 -5.11 9.40 3.65
N PHE A 286 -5.77 10.36 2.97
CA PHE A 286 -5.31 10.81 1.66
C PHE A 286 -4.22 11.83 1.93
N GLN A 287 -2.99 11.32 2.16
CA GLN A 287 -1.80 12.11 2.51
C GLN A 287 -1.31 12.91 1.31
N GLU A 288 -2.03 14.00 0.95
CA GLU A 288 -1.71 14.82 -0.22
C GLU A 288 -0.52 15.74 0.04
N SER A 289 -0.25 16.02 1.34
CA SER A 289 0.85 16.83 1.86
C SER A 289 1.02 16.51 3.34
N TYR A 290 1.99 17.14 4.01
CA TYR A 290 2.27 16.98 5.46
C TYR A 290 2.23 18.36 6.12
N SER A 291 1.67 19.32 5.41
CA SER A 291 1.58 20.70 5.86
C SER A 291 0.62 20.89 7.03
N SER A 292 1.05 21.67 8.03
CA SER A 292 0.25 22.08 9.19
C SER A 292 -0.79 23.13 8.75
N LYS A 293 -0.60 23.70 7.52
CA LYS A 293 -1.42 24.73 6.85
C LYS A 293 -2.42 24.13 5.82
N LYS A 294 -2.55 22.78 5.80
CA LYS A 294 -3.44 22.10 4.87
C LYS A 294 -4.28 21.01 5.54
N LEU A 295 -5.47 20.76 5.00
CA LEU A 295 -6.39 19.74 5.50
C LEU A 295 -6.37 18.51 4.58
N CYS A 296 -6.32 17.32 5.18
CA CYS A 296 -6.25 16.05 4.47
C CYS A 296 -7.49 15.23 4.72
N THR A 297 -8.13 14.74 3.64
CA THR A 297 -9.36 13.94 3.71
C THR A 297 -9.06 12.50 4.16
N LEU A 298 -10.06 11.86 4.75
CA LEU A 298 -10.04 10.48 5.18
C LEU A 298 -10.89 9.63 4.24
N ALA A 299 -10.49 8.37 4.04
CA ALA A 299 -11.21 7.47 3.17
C ALA A 299 -12.25 6.67 3.96
N ILE A 300 -12.89 7.36 4.92
CA ILE A 300 -13.93 6.88 5.85
C ILE A 300 -14.98 7.99 5.97
N HIS A 301 -16.25 7.64 5.84
CA HIS A 301 -17.37 8.60 5.96
C HIS A 301 -18.60 7.94 6.58
N ALA A 302 -19.64 8.73 6.78
CA ALA A 302 -20.88 8.20 7.33
C ALA A 302 -21.83 7.97 6.19
N MET A 303 -22.61 6.91 6.25
CA MET A 303 -23.58 6.53 5.25
C MET A 303 -24.62 5.70 5.97
N ASP A 304 -25.84 6.24 6.14
CA ASP A 304 -26.92 5.51 6.81
C ASP A 304 -27.64 4.70 5.77
N ILE A 305 -27.32 3.40 5.72
CA ILE A 305 -27.94 2.50 4.75
C ILE A 305 -29.27 2.02 5.31
N PRO A 306 -30.40 2.22 4.57
CA PRO A 306 -31.71 1.86 5.12
C PRO A 306 -31.99 0.36 5.14
N PRO A 307 -32.97 -0.12 5.95
CA PRO A 307 -33.30 -1.56 5.92
C PRO A 307 -33.87 -2.02 4.55
N PRO A 308 -33.85 -3.32 4.21
CA PRO A 308 -33.41 -4.48 5.00
C PRO A 308 -31.88 -4.66 5.09
N THR A 309 -31.11 -4.12 4.10
CA THR A 309 -29.64 -4.21 4.03
C THR A 309 -28.95 -3.52 5.22
N GLY A 310 -29.37 -2.30 5.52
CA GLY A 310 -28.84 -1.52 6.63
C GLY A 310 -29.71 -1.60 7.86
N PRO A 311 -29.32 -1.01 9.01
CA PRO A 311 -28.05 -0.29 9.27
C PRO A 311 -26.87 -1.25 9.13
N THR A 312 -25.81 -0.78 8.45
CA THR A 312 -24.61 -1.58 8.20
C THR A 312 -23.38 -0.75 7.93
N TRP A 313 -22.21 -1.34 8.19
CA TRP A 313 -20.96 -0.73 7.76
C TRP A 313 -20.78 -1.18 6.29
N ALA A 314 -20.00 -0.43 5.52
CA ALA A 314 -19.68 -0.84 4.17
C ALA A 314 -18.16 -0.79 4.01
N LEU A 315 -17.57 -1.91 3.55
CA LEU A 315 -16.12 -2.00 3.31
C LEU A 315 -15.89 -1.82 1.82
N GLY A 316 -15.58 -0.58 1.46
CA GLY A 316 -15.34 -0.17 0.08
C GLY A 316 -13.89 -0.23 -0.36
N ALA A 317 -13.54 0.53 -1.41
CA ALA A 317 -12.19 0.53 -2.00
C ALA A 317 -11.06 0.72 -0.98
N THR A 318 -11.30 1.51 0.11
CA THR A 318 -10.31 1.73 1.20
C THR A 318 -9.85 0.39 1.79
N PHE A 319 -10.82 -0.53 1.99
CA PHE A 319 -10.59 -1.84 2.54
C PHE A 319 -9.99 -2.82 1.51
N ILE A 320 -10.60 -2.93 0.32
CA ILE A 320 -10.18 -3.81 -0.79
C ILE A 320 -8.73 -3.54 -1.26
N ARG A 321 -8.25 -2.27 -1.19
CA ARG A 321 -6.86 -1.96 -1.57
C ARG A 321 -5.87 -2.76 -0.72
N LYS A 322 -6.17 -2.86 0.60
CA LYS A 322 -5.33 -3.56 1.55
C LYS A 322 -5.52 -5.08 1.46
N PHE A 323 -6.79 -5.51 1.26
CA PHE A 323 -7.18 -6.92 1.22
C PHE A 323 -7.83 -7.36 -0.08
N TYR A 324 -7.09 -8.17 -0.83
CA TYR A 324 -7.56 -8.83 -2.06
C TYR A 324 -8.83 -9.58 -1.64
N THR A 325 -9.93 -9.45 -2.41
CA THR A 325 -11.23 -10.02 -2.06
C THR A 325 -11.78 -11.01 -3.08
N GLU A 326 -12.23 -12.16 -2.60
CA GLU A 326 -12.84 -13.21 -3.40
C GLU A 326 -14.30 -13.36 -2.98
N PHE A 327 -15.21 -13.24 -3.93
CA PHE A 327 -16.64 -13.37 -3.69
C PHE A 327 -17.04 -14.76 -4.17
N ASP A 328 -17.35 -15.64 -3.21
CA ASP A 328 -17.64 -17.04 -3.47
C ASP A 328 -19.14 -17.34 -3.47
N ARG A 329 -19.71 -17.54 -4.68
CA ARG A 329 -21.14 -17.80 -4.85
C ARG A 329 -21.52 -19.23 -4.47
N ARG A 330 -20.68 -20.22 -4.85
CA ARG A 330 -20.90 -21.63 -4.56
C ARG A 330 -21.08 -21.86 -3.05
N ASN A 331 -20.25 -21.20 -2.22
CA ASN A 331 -20.25 -21.39 -0.78
C ASN A 331 -20.88 -20.28 0.05
N ASN A 332 -21.36 -19.20 -0.58
CA ASN A 332 -21.94 -18.04 0.12
C ASN A 332 -21.00 -17.51 1.19
N ARG A 333 -19.80 -17.11 0.75
CA ARG A 333 -18.77 -16.58 1.63
C ARG A 333 -17.88 -15.60 0.89
N ILE A 334 -17.09 -14.82 1.64
CA ILE A 334 -16.13 -13.85 1.14
C ILE A 334 -14.78 -14.20 1.71
N GLY A 335 -13.78 -14.25 0.84
CA GLY A 335 -12.40 -14.51 1.26
C GLY A 335 -11.53 -13.27 1.14
N PHE A 336 -10.69 -13.01 2.15
CA PHE A 336 -9.73 -11.91 2.18
C PHE A 336 -8.31 -12.44 2.32
N ALA A 337 -7.38 -11.82 1.62
CA ALA A 337 -5.96 -12.13 1.69
C ALA A 337 -5.24 -10.81 1.49
N LEU A 338 -4.05 -10.66 2.06
CA LEU A 338 -3.23 -9.45 1.96
C LEU A 338 -2.85 -9.21 0.50
N ALA A 339 -3.28 -8.08 -0.05
CA ALA A 339 -3.03 -7.72 -1.44
C ALA A 339 -1.56 -7.38 -1.69
N ARG A 340 -1.10 -7.58 -2.94
CA ARG A 340 0.25 -7.23 -3.37
C ARG A 340 0.31 -6.76 -4.84
N LEU B 1 21.27 -24.95 3.02
CA LEU B 1 20.17 -24.08 2.57
C LEU B 1 19.11 -24.85 1.79
N THR B 2 17.83 -24.58 2.12
CA THR B 2 16.68 -25.14 1.41
C THR B 2 15.93 -23.98 0.72
N LEU B 3 15.53 -24.21 -0.54
CA LEU B 3 14.80 -23.23 -1.35
C LEU B 3 13.41 -23.76 -1.75
N GLY B 4 12.42 -22.89 -1.64
CA GLY B 4 11.04 -23.16 -2.02
C GLY B 4 10.69 -22.44 -3.30
N ASN B 5 9.42 -22.06 -3.44
CA ASN B 5 8.89 -21.39 -4.63
C ASN B 5 8.07 -20.11 -4.28
N THR B 6 8.37 -19.47 -3.14
CA THR B 6 7.63 -18.25 -2.79
C THR B 6 8.52 -17.02 -2.57
N THR B 7 7.85 -15.88 -2.67
CA THR B 7 8.33 -14.54 -2.37
C THR B 7 7.27 -13.94 -1.47
N SER B 8 7.63 -12.88 -0.77
CA SER B 8 6.72 -12.17 0.11
C SER B 8 7.04 -10.69 0.06
N SER B 9 6.04 -9.87 -0.20
CA SER B 9 6.27 -8.45 -0.32
C SER B 9 5.59 -7.62 0.79
N VAL B 10 6.26 -6.53 1.19
CA VAL B 10 5.74 -5.63 2.20
C VAL B 10 5.69 -4.25 1.58
N ILE B 11 4.48 -3.64 1.55
CA ILE B 11 4.28 -2.29 1.03
C ILE B 11 4.85 -1.29 2.07
N LEU B 12 5.67 -0.35 1.63
CA LEU B 12 6.26 0.63 2.53
C LEU B 12 5.62 1.98 2.34
N THR B 13 5.62 2.76 3.41
CA THR B 13 5.14 4.14 3.44
C THR B 13 6.36 5.03 3.34
N ASN B 14 6.29 6.03 2.48
CA ASN B 14 7.36 6.99 2.34
C ASN B 14 6.96 8.24 3.13
N TYR B 15 7.70 8.50 4.21
CA TYR B 15 7.52 9.70 5.00
C TYR B 15 8.61 10.72 4.61
N MET B 16 8.20 11.77 3.85
CA MET B 16 9.04 12.91 3.46
C MET B 16 10.42 12.59 2.75
N ASP B 17 10.55 11.40 2.09
CA ASP B 17 11.78 10.91 1.45
C ASP B 17 12.90 10.65 2.50
N THR B 18 12.56 10.62 3.81
CA THR B 18 13.55 10.40 4.87
C THR B 18 13.27 9.17 5.73
N GLN B 19 12.04 8.66 5.73
CA GLN B 19 11.70 7.45 6.51
C GLN B 19 10.81 6.56 5.69
N TYR B 20 11.19 5.28 5.55
CA TYR B 20 10.43 4.28 4.81
C TYR B 20 10.20 3.16 5.78
N TYR B 21 8.93 2.80 5.97
CA TYR B 21 8.55 1.76 6.94
C TYR B 21 7.34 0.98 6.45
N GLY B 22 7.23 -0.25 6.92
CA GLY B 22 6.13 -1.12 6.58
C GLY B 22 5.60 -1.78 7.82
N GLU B 23 4.63 -2.69 7.68
CA GLU B 23 4.01 -3.36 8.81
C GLU B 23 4.47 -4.75 9.09
N ILE B 24 4.54 -5.08 10.40
CA ILE B 24 4.76 -6.43 10.92
C ILE B 24 3.75 -6.67 12.04
N GLY B 25 3.29 -7.90 12.14
CA GLY B 25 2.36 -8.29 13.19
C GLY B 25 3.07 -9.17 14.21
N ILE B 26 2.97 -8.82 15.50
CA ILE B 26 3.61 -9.64 16.55
C ILE B 26 2.56 -10.23 17.51
N GLY B 27 2.65 -11.55 17.73
CA GLY B 27 1.78 -12.27 18.65
C GLY B 27 0.49 -12.86 18.11
N THR B 28 -0.27 -13.50 19.02
CA THR B 28 -1.57 -14.13 18.75
C THR B 28 -2.59 -13.55 19.75
N PRO B 29 -3.57 -12.74 19.30
CA PRO B 29 -3.77 -12.22 17.92
C PRO B 29 -2.67 -11.20 17.57
N PRO B 30 -2.41 -10.90 16.27
CA PRO B 30 -1.34 -9.94 15.98
C PRO B 30 -1.57 -8.52 16.45
N GLN B 31 -0.49 -7.90 16.95
CA GLN B 31 -0.36 -6.50 17.35
C GLN B 31 0.53 -5.93 16.24
N THR B 32 0.06 -4.92 15.53
CA THR B 32 0.75 -4.38 14.35
C THR B 32 1.63 -3.22 14.66
N PHE B 33 2.82 -3.18 14.01
CA PHE B 33 3.82 -2.13 14.18
C PHE B 33 4.34 -1.60 12.87
N LYS B 34 4.72 -0.30 12.85
CA LYS B 34 5.38 0.36 11.72
C LYS B 34 6.88 0.13 11.97
N VAL B 35 7.55 -0.57 11.05
CA VAL B 35 8.97 -0.90 11.22
C VAL B 35 9.83 -0.50 10.01
N VAL B 36 11.10 -0.15 10.28
CA VAL B 36 12.10 0.13 9.28
C VAL B 36 12.75 -1.23 8.98
N PHE B 37 12.83 -1.61 7.67
CA PHE B 37 13.53 -2.83 7.28
C PHE B 37 14.93 -2.31 7.00
N ASP B 38 15.84 -2.60 7.94
CA ASP B 38 17.15 -1.98 8.04
C ASP B 38 18.38 -2.88 7.80
N THR B 39 19.11 -2.64 6.68
CA THR B 39 20.33 -3.41 6.36
C THR B 39 21.53 -2.96 7.20
N GLY B 40 21.42 -1.81 7.87
CA GLY B 40 22.46 -1.28 8.74
C GLY B 40 22.37 -1.74 10.19
N SER B 41 21.54 -2.74 10.52
CA SER B 41 21.38 -3.33 11.87
C SER B 41 20.85 -4.76 11.76
N SER B 42 20.96 -5.58 12.84
CA SER B 42 20.59 -6.99 12.76
C SER B 42 19.59 -7.47 13.82
N ASN B 43 18.98 -6.53 14.57
CA ASN B 43 18.03 -6.92 15.62
C ASN B 43 16.64 -6.44 15.32
N VAL B 44 15.63 -7.22 15.78
CA VAL B 44 14.24 -6.85 15.67
C VAL B 44 13.91 -6.25 17.03
N TRP B 45 13.23 -5.10 17.04
CA TRP B 45 12.76 -4.47 18.26
C TRP B 45 11.55 -3.61 18.01
N VAL B 46 10.67 -3.52 19.01
CA VAL B 46 9.48 -2.67 19.00
C VAL B 46 9.35 -2.01 20.41
N PRO B 47 8.66 -0.86 20.58
CA PRO B 47 8.49 -0.33 21.94
C PRO B 47 7.62 -1.30 22.77
N SER B 48 7.93 -1.45 24.07
CA SER B 48 7.20 -2.36 24.96
C SER B 48 6.13 -1.64 25.75
N SER B 49 5.11 -2.37 26.25
CA SER B 49 4.03 -1.86 27.13
C SER B 49 4.63 -1.49 28.49
N LYS B 50 5.77 -2.10 28.82
CA LYS B 50 6.56 -1.90 30.04
C LYS B 50 7.49 -0.66 29.94
N CYS B 51 7.38 0.14 28.86
CA CYS B 51 8.17 1.34 28.70
C CYS B 51 7.56 2.44 29.56
N SER B 52 8.38 3.06 30.45
CA SER B 52 7.92 4.16 31.30
C SER B 52 7.38 5.29 30.45
N ARG B 53 6.18 5.78 30.78
CA ARG B 53 5.49 6.86 30.07
C ARG B 53 6.19 8.22 30.23
N LEU B 54 7.35 8.26 30.95
CA LEU B 54 8.15 9.48 31.13
C LEU B 54 8.77 9.90 29.78
N TYR B 55 9.11 8.89 28.95
CA TYR B 55 9.64 9.07 27.61
C TYR B 55 8.44 9.39 26.74
N THR B 56 8.36 10.64 26.26
CA THR B 56 7.26 11.09 25.40
C THR B 56 7.20 10.24 24.12
N ALA B 57 8.32 9.56 23.78
CA ALA B 57 8.45 8.67 22.65
C ALA B 57 7.52 7.46 22.81
N CYS B 58 7.51 6.81 23.99
CA CYS B 58 6.62 5.66 24.21
C CYS B 58 5.13 6.00 24.25
N VAL B 59 4.79 7.25 24.61
CA VAL B 59 3.41 7.76 24.61
C VAL B 59 2.90 7.91 23.15
N TYR B 60 3.79 8.42 22.26
CA TYR B 60 3.56 8.66 20.83
C TYR B 60 3.66 7.42 19.90
N HIS B 61 4.05 6.24 20.42
CA HIS B 61 4.20 5.03 19.61
C HIS B 61 3.35 3.85 20.07
N LYS B 62 3.18 2.87 19.18
CA LYS B 62 2.47 1.63 19.46
C LYS B 62 3.40 0.79 20.36
N LEU B 63 2.84 0.16 21.40
CA LEU B 63 3.64 -0.64 22.34
C LEU B 63 3.20 -2.09 22.33
N PHE B 64 4.16 -3.02 22.40
CA PHE B 64 3.87 -4.45 22.47
C PHE B 64 3.45 -4.85 23.87
N ASP B 65 2.30 -5.53 23.98
CA ASP B 65 1.80 -6.05 25.24
C ASP B 65 1.80 -7.57 25.20
N ALA B 66 2.79 -8.19 25.88
CA ALA B 66 2.95 -9.64 25.92
C ALA B 66 1.74 -10.33 26.58
N SER B 67 1.08 -9.62 27.53
CA SER B 67 -0.09 -10.07 28.28
C SER B 67 -1.33 -10.29 27.39
N ASP B 68 -1.29 -9.81 26.13
CA ASP B 68 -2.37 -9.96 25.16
C ASP B 68 -2.03 -10.99 24.09
N SER B 69 -0.89 -11.68 24.23
CA SER B 69 -0.45 -12.67 23.26
C SER B 69 -0.31 -14.05 23.85
N SER B 70 -1.04 -15.03 23.27
CA SER B 70 -1.03 -16.43 23.72
C SER B 70 0.20 -17.22 23.24
N SER B 71 0.87 -16.72 22.19
CA SER B 71 2.05 -17.34 21.60
C SER B 71 3.37 -16.80 22.15
N TYR B 72 3.30 -15.81 23.05
CA TYR B 72 4.46 -15.20 23.70
C TYR B 72 5.22 -16.18 24.58
N LYS B 73 6.55 -16.16 24.49
CA LYS B 73 7.47 -16.97 25.31
C LYS B 73 8.47 -16.02 25.96
N HIS B 74 8.45 -15.98 27.30
CA HIS B 74 9.31 -15.11 28.09
C HIS B 74 10.80 -15.43 27.94
N ASN B 75 11.65 -14.37 27.95
CA ASN B 75 13.09 -14.52 27.97
C ASN B 75 13.66 -13.61 29.05
N GLY B 76 13.56 -12.31 28.85
CA GLY B 76 13.96 -11.34 29.86
C GLY B 76 15.39 -10.83 29.85
N THR B 77 16.28 -11.47 29.04
CA THR B 77 17.69 -11.03 28.91
C THR B 77 17.76 -9.57 28.48
N GLU B 78 18.56 -8.77 29.23
CA GLU B 78 18.76 -7.35 28.96
C GLU B 78 19.38 -7.18 27.58
N LEU B 79 19.03 -6.07 26.91
CA LEU B 79 19.49 -5.77 25.57
C LEU B 79 19.68 -4.28 25.41
N THR B 80 20.88 -3.87 24.95
CA THR B 80 21.20 -2.48 24.66
C THR B 80 21.62 -2.37 23.20
N LEU B 81 21.00 -1.45 22.46
CA LEU B 81 21.32 -1.23 21.05
C LEU B 81 21.86 0.17 20.89
N ARG B 82 23.19 0.27 20.73
CA ARG B 82 23.86 1.55 20.54
C ARG B 82 24.02 1.80 19.05
N TYR B 83 23.23 2.73 18.52
CA TYR B 83 23.25 3.09 17.10
C TYR B 83 23.93 4.43 16.91
N SER B 84 24.16 4.80 15.64
CA SER B 84 24.75 6.08 15.23
C SER B 84 23.85 7.27 15.60
N THR B 85 22.53 7.05 15.62
CA THR B 85 21.55 8.09 15.90
C THR B 85 21.15 8.20 17.36
N GLY B 86 21.46 7.17 18.13
CA GLY B 86 21.12 7.10 19.55
C GLY B 86 21.15 5.69 20.09
N THR B 87 20.74 5.53 21.36
CA THR B 87 20.71 4.25 22.07
C THR B 87 19.32 3.93 22.54
N VAL B 88 19.05 2.64 22.62
CA VAL B 88 17.78 2.08 23.01
C VAL B 88 18.11 0.83 23.80
N SER B 89 17.34 0.55 24.85
CA SER B 89 17.57 -0.61 25.71
C SER B 89 16.26 -1.18 26.16
N GLY B 90 16.28 -2.45 26.49
CA GLY B 90 15.12 -3.19 26.95
C GLY B 90 15.51 -4.61 27.22
N PHE B 91 14.63 -5.56 26.87
CA PHE B 91 14.84 -6.99 27.12
C PHE B 91 14.34 -7.87 25.97
N LEU B 92 14.85 -9.10 25.89
CA LEU B 92 14.50 -10.10 24.89
C LEU B 92 13.17 -10.80 25.18
N SER B 93 12.35 -11.00 24.14
CA SER B 93 11.07 -11.70 24.17
C SER B 93 10.95 -12.55 22.93
N GLN B 94 10.12 -13.59 22.95
CA GLN B 94 9.91 -14.43 21.78
C GLN B 94 8.44 -14.49 21.46
N ASP B 95 8.12 -14.38 20.17
CA ASP B 95 6.74 -14.47 19.70
C ASP B 95 6.73 -14.74 18.20
N ILE B 96 5.54 -14.96 17.65
CA ILE B 96 5.36 -15.18 16.24
C ILE B 96 5.26 -13.80 15.56
N ILE B 97 6.06 -13.59 14.51
CA ILE B 97 6.07 -12.37 13.72
C ILE B 97 5.56 -12.67 12.30
N THR B 98 4.62 -11.85 11.82
CA THR B 98 4.08 -11.99 10.47
C THR B 98 4.66 -10.85 9.63
N VAL B 99 5.36 -11.21 8.54
CA VAL B 99 5.97 -10.30 7.56
C VAL B 99 5.37 -10.70 6.19
N GLY B 100 4.44 -9.91 5.67
CA GLY B 100 3.76 -10.18 4.41
C GLY B 100 2.99 -11.48 4.45
N GLY B 101 3.45 -12.51 3.76
CA GLY B 101 2.74 -13.79 3.84
C GLY B 101 3.43 -14.87 4.64
N ILE B 102 4.42 -14.49 5.46
CA ILE B 102 5.28 -15.43 6.20
C ILE B 102 5.10 -15.25 7.70
N THR B 103 5.01 -16.36 8.44
CA THR B 103 4.96 -16.36 9.88
C THR B 103 6.25 -17.02 10.35
N VAL B 104 6.97 -16.35 11.25
CA VAL B 104 8.23 -16.85 11.80
C VAL B 104 8.28 -16.64 13.32
N THR B 105 8.78 -17.63 14.08
CA THR B 105 8.98 -17.53 15.51
C THR B 105 10.26 -16.74 15.66
N GLN B 106 10.18 -15.59 16.35
CA GLN B 106 11.32 -14.69 16.42
C GLN B 106 11.66 -14.16 17.82
N MET B 107 12.96 -14.09 18.11
CA MET B 107 13.45 -13.47 19.33
C MET B 107 13.68 -11.99 18.98
N PHE B 108 13.00 -11.12 19.71
CA PHE B 108 13.06 -9.71 19.46
C PHE B 108 13.23 -8.95 20.78
N GLY B 109 13.58 -7.69 20.68
CA GLY B 109 13.74 -6.81 21.81
C GLY B 109 12.50 -6.00 22.07
N GLU B 110 12.07 -6.04 23.32
CA GLU B 110 11.00 -5.24 23.87
C GLU B 110 11.75 -4.08 24.52
N VAL B 111 11.55 -2.87 23.98
CA VAL B 111 12.24 -1.65 24.35
C VAL B 111 11.48 -0.87 25.43
N THR B 112 12.19 -0.58 26.54
CA THR B 112 11.67 0.15 27.72
C THR B 112 12.28 1.58 27.87
N GLU B 113 13.38 1.88 27.13
CA GLU B 113 14.08 3.18 27.15
C GLU B 113 14.25 3.73 25.71
N MET B 114 13.45 4.76 25.38
CA MET B 114 13.37 5.40 24.07
C MET B 114 13.59 6.92 24.13
N PRO B 115 14.84 7.39 23.89
CA PRO B 115 15.10 8.84 23.93
C PRO B 115 14.26 9.66 22.93
N ALA B 116 13.68 10.79 23.40
CA ALA B 116 12.86 11.71 22.59
C ALA B 116 13.65 12.14 21.36
N LEU B 117 14.98 12.24 21.49
CA LEU B 117 15.87 12.54 20.37
C LEU B 117 16.64 11.24 20.13
N PRO B 118 16.40 10.52 19.01
CA PRO B 118 15.59 10.91 17.84
C PRO B 118 14.16 10.34 17.73
N PHE B 119 13.78 9.41 18.60
CA PHE B 119 12.54 8.66 18.48
C PHE B 119 11.23 9.47 18.49
N MET B 120 11.23 10.75 18.86
CA MET B 120 10.01 11.57 18.74
C MET B 120 9.85 12.05 17.28
N LEU B 121 10.92 11.95 16.47
CA LEU B 121 10.92 12.31 15.05
C LEU B 121 10.57 11.10 14.19
N ALA B 122 10.68 9.89 14.76
CA ALA B 122 10.41 8.60 14.16
C ALA B 122 8.91 8.34 13.97
N GLU B 123 8.48 8.15 12.69
CA GLU B 123 7.10 7.85 12.30
C GLU B 123 6.85 6.37 12.47
N PHE B 124 7.92 5.60 12.49
CA PHE B 124 7.88 4.15 12.69
C PHE B 124 7.93 3.90 14.18
N ASP B 125 7.55 2.68 14.60
CA ASP B 125 7.57 2.27 16.01
C ASP B 125 8.86 1.54 16.33
N GLY B 126 9.28 0.65 15.46
CA GLY B 126 10.47 -0.15 15.69
C GLY B 126 11.31 -0.45 14.49
N VAL B 127 12.18 -1.46 14.62
CA VAL B 127 13.13 -1.81 13.59
C VAL B 127 13.20 -3.31 13.32
N VAL B 128 13.29 -3.68 12.04
CA VAL B 128 13.52 -5.04 11.58
C VAL B 128 14.94 -5.04 10.95
N GLY B 129 15.92 -5.54 11.70
CA GLY B 129 17.29 -5.65 11.25
C GLY B 129 17.42 -6.69 10.15
N MET B 130 17.92 -6.24 8.98
CA MET B 130 18.13 -7.02 7.76
C MET B 130 19.63 -7.35 7.60
N GLY B 131 20.43 -6.98 8.60
CA GLY B 131 21.86 -7.25 8.66
C GLY B 131 22.17 -8.68 9.03
N PHE B 132 23.46 -9.04 8.99
CA PHE B 132 23.93 -10.39 9.29
C PHE B 132 24.00 -10.68 10.80
N ILE B 133 24.00 -11.99 11.18
CA ILE B 133 24.12 -12.47 12.57
C ILE B 133 25.41 -11.97 13.27
N GLU B 134 26.48 -11.75 12.50
CA GLU B 134 27.77 -11.25 12.99
C GLU B 134 27.64 -9.90 13.72
N GLN B 135 26.64 -9.08 13.34
CA GLN B 135 26.43 -7.75 13.94
C GLN B 135 25.21 -7.70 14.87
N ALA B 136 24.60 -8.88 15.15
CA ALA B 136 23.43 -9.00 16.01
C ALA B 136 23.86 -8.92 17.49
N ILE B 137 23.25 -7.98 18.24
CA ILE B 137 23.52 -7.78 19.67
C ILE B 137 22.87 -8.92 20.44
N GLY B 138 23.61 -9.51 21.38
CA GLY B 138 23.16 -10.64 22.17
C GLY B 138 23.16 -11.94 21.40
N ARG B 139 23.79 -11.95 20.20
CA ARG B 139 23.89 -13.08 19.26
C ARG B 139 22.51 -13.68 18.93
N VAL B 140 21.49 -12.81 18.81
CA VAL B 140 20.12 -13.21 18.48
C VAL B 140 20.04 -13.50 16.97
N THR B 141 19.44 -14.66 16.60
CA THR B 141 19.31 -15.01 15.18
C THR B 141 18.42 -13.97 14.45
N PRO B 142 18.96 -13.26 13.41
CA PRO B 142 18.13 -12.28 12.67
C PRO B 142 16.94 -12.95 11.97
N ILE B 143 15.85 -12.19 11.81
CA ILE B 143 14.61 -12.64 11.20
C ILE B 143 14.80 -13.29 9.81
N PHE B 144 15.70 -12.74 8.95
CA PHE B 144 15.89 -13.30 7.61
C PHE B 144 16.49 -14.71 7.65
N ASP B 145 17.46 -14.93 8.56
CA ASP B 145 18.08 -16.25 8.78
C ASP B 145 16.99 -17.27 9.15
N ASN B 146 16.06 -16.88 10.03
CA ASN B 146 14.97 -17.74 10.48
C ASN B 146 14.00 -18.05 9.36
N ILE B 147 13.74 -17.06 8.47
CA ILE B 147 12.86 -17.24 7.31
C ILE B 147 13.53 -18.21 6.33
N ILE B 148 14.86 -18.07 6.10
CA ILE B 148 15.66 -18.97 5.26
C ILE B 148 15.53 -20.42 5.75
N SER B 149 15.63 -20.64 7.09
CA SER B 149 15.50 -21.95 7.72
C SER B 149 14.19 -22.67 7.34
N GLN B 150 13.10 -21.92 7.06
CA GLN B 150 11.82 -22.49 6.66
C GLN B 150 11.87 -23.11 5.27
N GLY B 151 12.87 -22.71 4.49
CA GLY B 151 13.06 -23.19 3.12
C GLY B 151 11.84 -23.00 2.22
N VAL B 152 11.19 -21.82 2.34
CA VAL B 152 9.99 -21.48 1.55
C VAL B 152 10.27 -20.45 0.43
N LEU B 153 11.31 -19.63 0.60
CA LEU B 153 11.74 -18.57 -0.33
C LEU B 153 12.44 -19.10 -1.58
N LYS B 154 12.09 -18.54 -2.76
CA LYS B 154 12.65 -18.95 -4.05
C LYS B 154 14.16 -18.73 -4.08
N GLU B 155 14.65 -17.60 -3.51
CA GLU B 155 16.08 -17.28 -3.45
C GLU B 155 16.47 -16.71 -2.09
N ASP B 156 17.75 -16.87 -1.75
CA ASP B 156 18.33 -16.36 -0.51
C ASP B 156 18.67 -14.89 -0.65
N VAL B 157 17.69 -14.10 -1.09
CA VAL B 157 17.86 -12.66 -1.34
C VAL B 157 16.62 -11.85 -0.86
N PHE B 158 16.75 -10.53 -0.76
CA PHE B 158 15.66 -9.61 -0.44
C PHE B 158 15.97 -8.31 -1.16
N SER B 159 14.90 -7.64 -1.63
CA SER B 159 15.03 -6.42 -2.45
C SER B 159 14.25 -5.23 -1.96
N PHE B 160 14.77 -4.02 -2.23
CA PHE B 160 14.19 -2.75 -1.82
C PHE B 160 13.94 -1.85 -2.97
N TYR B 161 12.76 -1.25 -2.96
CA TYR B 161 12.34 -0.22 -3.88
C TYR B 161 11.90 0.93 -2.99
N TYR B 162 12.48 2.12 -3.19
CA TYR B 162 12.13 3.34 -2.46
C TYR B 162 11.65 4.36 -3.50
N ASN B 163 10.40 4.80 -3.39
CA ASN B 163 9.85 5.79 -4.31
C ASN B 163 10.19 7.22 -3.89
N ARG B 164 9.99 8.17 -4.82
CA ARG B 164 10.13 9.62 -4.65
C ARG B 164 8.79 10.09 -4.06
N ASP B 165 8.79 10.99 -3.09
CA ASP B 165 7.52 11.47 -2.50
C ASP B 165 6.81 12.41 -3.47
N SER B 166 5.47 12.22 -3.59
CA SER B 166 4.53 13.00 -4.41
C SER B 166 3.10 12.97 -3.83
N SER B 169 -0.11 12.93 -5.31
CA SER B 169 -0.63 11.60 -5.60
C SER B 169 -0.59 10.64 -4.38
N GLN B 170 -1.31 9.50 -4.50
CA GLN B 170 -1.42 8.45 -3.48
C GLN B 170 -0.53 7.26 -3.84
N SER B 171 0.58 7.56 -4.55
CA SER B 171 1.58 6.60 -5.01
C SER B 171 2.19 5.78 -3.89
N LEU B 172 2.57 4.54 -4.23
CA LEU B 172 3.24 3.57 -3.40
C LEU B 172 4.55 4.19 -2.85
N GLY B 173 4.74 4.12 -1.54
CA GLY B 173 5.92 4.67 -0.89
C GLY B 173 7.20 3.90 -1.15
N GLY B 174 7.07 2.59 -1.24
CA GLY B 174 8.16 1.65 -1.48
C GLY B 174 7.68 0.22 -1.30
N GLN B 175 8.61 -0.72 -1.43
CA GLN B 175 8.30 -2.13 -1.34
C GLN B 175 9.56 -2.95 -1.09
N ILE B 176 9.46 -3.91 -0.16
CA ILE B 176 10.49 -4.89 0.15
C ILE B 176 9.98 -6.22 -0.34
N VAL B 177 10.84 -6.96 -1.04
CA VAL B 177 10.51 -8.30 -1.52
C VAL B 177 11.45 -9.27 -0.83
N LEU B 178 10.92 -10.23 -0.09
CA LEU B 178 11.70 -11.30 0.54
C LEU B 178 11.66 -12.48 -0.43
N GLY B 179 12.82 -13.05 -0.75
CA GLY B 179 12.92 -14.21 -1.64
C GLY B 179 13.15 -13.90 -3.11
N GLY B 180 13.24 -12.63 -3.47
CA GLY B 180 13.47 -12.22 -4.85
C GLY B 180 13.44 -10.74 -5.08
N SER B 181 13.07 -10.35 -6.31
CA SER B 181 12.97 -8.95 -6.74
C SER B 181 11.69 -8.71 -7.53
N ASP B 182 11.23 -7.45 -7.60
CA ASP B 182 10.02 -7.11 -8.34
C ASP B 182 10.41 -6.40 -9.64
N PRO B 183 10.29 -7.09 -10.83
CA PRO B 183 10.69 -6.44 -12.10
C PRO B 183 9.87 -5.21 -12.46
N GLN B 184 8.71 -5.01 -11.82
CA GLN B 184 7.85 -3.84 -12.04
C GLN B 184 8.50 -2.55 -11.51
N HIS B 185 9.50 -2.68 -10.59
CA HIS B 185 10.14 -1.51 -9.99
C HIS B 185 11.56 -1.26 -10.46
N TYR B 186 12.01 -1.99 -11.46
CA TYR B 186 13.31 -1.72 -12.04
C TYR B 186 13.36 -2.01 -13.52
N GLU B 187 14.41 -1.51 -14.18
CA GLU B 187 14.58 -1.81 -15.58
C GLU B 187 15.99 -2.24 -15.87
N GLY B 188 16.08 -2.98 -16.96
CA GLY B 188 17.33 -3.56 -17.40
C GLY B 188 17.72 -4.67 -16.49
N ASN B 189 19.02 -4.94 -16.40
CA ASN B 189 19.51 -6.00 -15.55
C ASN B 189 20.35 -5.50 -14.40
N PHE B 190 20.46 -6.35 -13.40
CA PHE B 190 21.25 -6.13 -12.21
C PHE B 190 22.73 -6.31 -12.54
N HIS B 191 23.56 -5.52 -11.91
CA HIS B 191 25.01 -5.66 -11.93
C HIS B 191 25.33 -5.71 -10.44
N TYR B 192 26.15 -6.69 -10.07
CA TYR B 192 26.52 -6.98 -8.69
C TYR B 192 27.93 -6.58 -8.32
N ILE B 193 28.10 -6.24 -7.05
CA ILE B 193 29.36 -5.86 -6.39
C ILE B 193 29.44 -6.78 -5.18
N ASN B 194 30.54 -7.51 -5.05
CA ASN B 194 30.69 -8.44 -3.93
C ASN B 194 30.94 -7.70 -2.63
N LEU B 195 30.60 -8.34 -1.50
CA LEU B 195 30.85 -7.74 -0.19
C LEU B 195 32.34 -7.83 0.12
N ILE B 196 32.88 -6.82 0.83
CA ILE B 196 34.27 -6.84 1.30
C ILE B 196 34.43 -8.17 2.10
N LYS B 197 33.48 -8.43 3.00
CA LYS B 197 33.42 -9.62 3.86
C LYS B 197 31.98 -9.85 4.26
N THR B 198 31.64 -11.13 4.55
CA THR B 198 30.33 -11.51 5.05
C THR B 198 30.15 -10.87 6.45
N GLY B 199 28.91 -10.61 6.84
CA GLY B 199 28.64 -10.00 8.13
C GLY B 199 28.27 -8.54 8.09
N VAL B 200 28.57 -7.83 6.97
CA VAL B 200 28.26 -6.38 6.81
C VAL B 200 27.81 -6.14 5.35
N TRP B 201 26.69 -5.38 5.14
CA TRP B 201 26.24 -5.03 3.78
C TRP B 201 27.07 -3.81 3.34
N GLN B 202 28.39 -4.04 3.17
CA GLN B 202 29.40 -3.04 2.84
C GLN B 202 30.25 -3.53 1.67
N ILE B 203 30.47 -2.64 0.70
CA ILE B 203 31.24 -2.94 -0.51
C ILE B 203 32.38 -1.94 -0.68
N GLN B 204 33.34 -2.28 -1.56
CA GLN B 204 34.45 -1.41 -1.93
C GLN B 204 33.93 -0.39 -2.94
N MET B 205 34.29 0.87 -2.73
CA MET B 205 33.96 1.94 -3.66
C MET B 205 35.31 2.42 -4.26
N LYS B 206 35.39 2.45 -5.60
CA LYS B 206 36.61 2.76 -6.36
C LYS B 206 36.90 4.25 -6.50
N GLY B 207 35.87 5.10 -6.38
CA GLY B 207 35.97 6.54 -6.48
C GLY B 207 34.64 7.24 -6.53
N VAL B 208 34.62 8.55 -6.19
CA VAL B 208 33.43 9.41 -6.20
C VAL B 208 33.73 10.65 -7.08
N SER B 209 32.99 10.80 -8.20
CA SER B 209 33.17 11.88 -9.17
C SER B 209 32.08 12.95 -9.09
N VAL B 210 32.50 14.22 -9.11
CA VAL B 210 31.60 15.36 -9.11
C VAL B 210 31.85 16.04 -10.49
N GLY B 211 30.94 15.81 -11.40
CA GLY B 211 31.06 16.29 -12.77
C GLY B 211 31.93 15.35 -13.58
N SER B 212 32.98 15.86 -14.23
CA SER B 212 33.90 15.04 -15.03
C SER B 212 35.08 14.46 -14.19
N SER B 213 35.73 15.34 -13.41
CA SER B 213 36.82 15.02 -12.50
C SER B 213 36.31 14.14 -11.33
N THR B 214 37.17 13.22 -10.82
CA THR B 214 36.86 12.38 -9.67
C THR B 214 37.09 13.24 -8.43
N LEU B 215 38.35 13.29 -7.95
CA LEU B 215 38.82 14.09 -6.81
C LEU B 215 38.31 13.59 -5.45
N LEU B 216 37.46 12.55 -5.40
CA LEU B 216 37.05 11.99 -4.11
C LEU B 216 37.17 10.49 -4.11
N CYS B 217 37.60 9.90 -2.98
CA CYS B 217 37.75 8.46 -2.83
C CYS B 217 38.72 7.92 -3.95
N GLU B 218 39.69 8.78 -4.33
CA GLU B 218 40.71 8.58 -5.36
C GLU B 218 41.55 7.30 -5.16
N ASP B 219 41.82 6.92 -3.90
CA ASP B 219 42.59 5.71 -3.58
C ASP B 219 41.70 4.57 -3.03
N GLY B 220 40.39 4.68 -3.29
CA GLY B 220 39.41 3.70 -2.84
C GLY B 220 38.90 3.97 -1.43
N CYS B 221 37.66 3.52 -1.16
CA CYS B 221 36.98 3.69 0.12
C CYS B 221 35.86 2.64 0.31
N LEU B 222 35.12 2.75 1.41
CA LEU B 222 34.05 1.81 1.72
C LEU B 222 32.68 2.44 1.52
N ALA B 223 31.70 1.60 1.17
CA ALA B 223 30.31 2.01 1.01
C ALA B 223 29.37 1.02 1.69
N LEU B 224 28.75 1.46 2.81
CA LEU B 224 27.75 0.65 3.51
C LEU B 224 26.40 0.90 2.82
N VAL B 225 25.69 -0.14 2.36
CA VAL B 225 24.39 0.03 1.67
C VAL B 225 23.32 -0.09 2.76
N ASP B 226 22.86 1.06 3.24
CA ASP B 226 21.99 1.16 4.40
C ASP B 226 20.56 1.60 4.10
N THR B 227 19.61 0.65 4.18
CA THR B 227 18.19 0.91 3.93
C THR B 227 17.53 1.73 5.04
N GLY B 228 18.12 1.72 6.23
CA GLY B 228 17.66 2.49 7.38
C GLY B 228 18.28 3.87 7.52
N ALA B 229 19.11 4.31 6.55
CA ALA B 229 19.71 5.64 6.55
C ALA B 229 18.99 6.48 5.52
N SER B 230 18.73 7.76 5.84
CA SER B 230 17.99 8.66 4.96
C SER B 230 18.78 9.15 3.75
N TYR B 231 20.05 9.47 3.93
CA TYR B 231 20.83 10.09 2.88
C TYR B 231 22.01 9.28 2.42
N ILE B 232 22.76 9.88 1.48
CA ILE B 232 24.06 9.39 1.11
C ILE B 232 24.95 10.16 2.10
N SER B 233 25.71 9.43 2.90
CA SER B 233 26.61 10.09 3.82
C SER B 233 28.05 9.74 3.50
N GLY B 234 28.92 10.68 3.82
CA GLY B 234 30.36 10.54 3.75
C GLY B 234 30.91 11.11 5.04
N SER B 235 32.21 11.03 5.22
CA SER B 235 32.89 11.59 6.39
C SER B 235 32.81 13.12 6.29
N THR B 236 32.93 13.84 7.43
CA THR B 236 32.91 15.30 7.47
C THR B 236 33.89 15.91 6.46
N SER B 237 35.10 15.32 6.34
CA SER B 237 36.13 15.82 5.41
C SER B 237 35.72 15.65 3.96
N SER B 238 35.26 14.43 3.58
CA SER B 238 34.79 14.12 2.22
C SER B 238 33.64 15.04 1.81
N ILE B 239 32.66 15.25 2.70
CA ILE B 239 31.47 16.08 2.44
C ILE B 239 31.87 17.55 2.33
N GLU B 240 32.88 18.01 3.10
CA GLU B 240 33.40 19.38 2.98
C GLU B 240 33.94 19.64 1.55
N LYS B 241 34.76 18.71 1.02
CA LYS B 241 35.32 18.81 -0.35
C LYS B 241 34.22 18.72 -1.39
N LEU B 242 33.27 17.75 -1.23
CA LEU B 242 32.13 17.55 -2.13
C LEU B 242 31.27 18.80 -2.24
N MET B 243 30.92 19.40 -1.10
CA MET B 243 30.05 20.59 -1.06
C MET B 243 30.71 21.85 -1.61
N GLU B 244 32.04 21.96 -1.45
CA GLU B 244 32.83 23.07 -1.98
C GLU B 244 32.73 23.02 -3.51
N ALA B 245 32.87 21.82 -4.10
CA ALA B 245 32.75 21.56 -5.54
C ALA B 245 31.35 21.87 -6.11
N LEU B 246 30.30 21.76 -5.26
CA LEU B 246 28.90 22.07 -5.64
C LEU B 246 28.54 23.54 -5.42
N GLY B 247 29.33 24.24 -4.61
CA GLY B 247 29.07 25.64 -4.27
C GLY B 247 27.97 25.76 -3.24
N ALA B 248 27.80 24.69 -2.43
CA ALA B 248 26.82 24.58 -1.35
C ALA B 248 27.42 25.17 -0.08
N LYS B 249 26.62 25.88 0.68
CA LYS B 249 27.17 26.44 1.90
C LYS B 249 26.41 25.90 3.12
N LYS B 250 27.10 25.74 4.25
CA LYS B 250 26.48 25.29 5.49
C LYS B 250 25.75 26.47 6.10
N ARG B 251 24.40 26.39 6.12
CA ARG B 251 23.45 27.33 6.70
C ARG B 251 23.78 27.39 8.20
N LEU B 252 23.07 26.61 8.98
CA LEU B 252 23.28 26.54 10.41
C LEU B 252 23.50 25.09 10.73
N PHE B 253 22.49 24.27 10.47
CA PHE B 253 22.52 22.85 10.72
C PHE B 253 22.91 22.09 9.46
N ASP B 254 22.58 22.63 8.25
CA ASP B 254 22.83 21.91 6.98
C ASP B 254 23.44 22.68 5.82
N TYR B 255 23.89 21.93 4.79
CA TYR B 255 24.40 22.43 3.52
C TYR B 255 23.21 22.79 2.62
N VAL B 256 23.24 23.97 1.98
CA VAL B 256 22.17 24.46 1.11
C VAL B 256 22.71 25.10 -0.18
N VAL B 257 21.87 25.13 -1.23
CA VAL B 257 22.13 25.84 -2.49
C VAL B 257 20.89 26.72 -2.73
N LYS B 258 21.02 27.80 -3.54
CA LYS B 258 19.87 28.62 -3.90
C LYS B 258 19.03 27.68 -4.77
N CYS B 259 17.71 27.55 -4.51
CA CYS B 259 16.81 26.59 -5.20
C CYS B 259 16.88 26.63 -6.73
N ASN B 260 16.98 27.83 -7.30
CA ASN B 260 17.06 28.01 -8.74
C ASN B 260 18.34 27.43 -9.29
N GLU B 261 19.42 27.39 -8.48
CA GLU B 261 20.71 26.89 -8.90
C GLU B 261 20.83 25.36 -8.88
N GLY B 262 19.95 24.68 -8.17
CA GLY B 262 19.93 23.23 -8.10
C GLY B 262 20.02 22.52 -9.44
N PRO B 263 19.12 22.81 -10.44
CA PRO B 263 19.21 22.15 -11.77
C PRO B 263 20.53 22.36 -12.54
N THR B 264 21.42 23.25 -12.06
CA THR B 264 22.73 23.56 -12.68
C THR B 264 23.87 22.83 -12.01
N LEU B 265 23.59 22.13 -10.89
CA LEU B 265 24.63 21.39 -10.16
C LEU B 265 25.08 20.15 -10.94
N PRO B 266 26.37 19.77 -10.86
CA PRO B 266 26.83 18.62 -11.65
C PRO B 266 26.33 17.26 -11.15
N ASP B 267 26.53 16.22 -11.99
CA ASP B 267 26.17 14.84 -11.66
C ASP B 267 27.18 14.33 -10.65
N ILE B 268 26.74 13.47 -9.73
CA ILE B 268 27.64 12.82 -8.78
C ILE B 268 27.61 11.34 -9.13
N SER B 269 28.80 10.76 -9.32
CA SER B 269 28.96 9.38 -9.73
C SER B 269 29.74 8.59 -8.72
N PHE B 270 29.24 7.40 -8.41
CA PHE B 270 29.84 6.48 -7.44
C PHE B 270 30.30 5.25 -8.21
N HIS B 271 31.62 4.99 -8.21
CA HIS B 271 32.20 3.86 -8.92
C HIS B 271 32.16 2.61 -8.03
N LEU B 272 31.36 1.62 -8.43
CA LEU B 272 31.14 0.38 -7.68
C LEU B 272 31.13 -0.79 -8.70
N GLY B 273 32.04 -1.75 -8.53
CA GLY B 273 32.16 -2.91 -9.44
C GLY B 273 32.41 -2.59 -10.91
N GLY B 274 33.27 -1.61 -11.18
CA GLY B 274 33.63 -1.27 -12.56
C GLY B 274 32.60 -0.44 -13.31
N LYS B 275 31.33 -0.41 -12.80
CA LYS B 275 30.18 0.36 -13.29
C LYS B 275 30.13 1.70 -12.51
N GLU B 276 29.55 2.74 -13.09
CA GLU B 276 29.42 4.07 -12.49
C GLU B 276 27.94 4.32 -12.22
N TYR B 277 27.61 4.68 -10.98
CA TYR B 277 26.24 4.94 -10.48
C TYR B 277 26.07 6.43 -10.31
N THR B 278 25.36 7.03 -11.26
CA THR B 278 25.20 8.47 -11.39
C THR B 278 23.85 9.01 -10.92
N LEU B 279 23.95 10.05 -10.10
CA LEU B 279 22.84 10.82 -9.58
C LEU B 279 22.94 12.23 -10.15
N THR B 280 21.86 12.74 -10.75
CA THR B 280 21.79 14.11 -11.26
C THR B 280 21.36 15.01 -10.10
N SER B 281 21.39 16.34 -10.29
CA SER B 281 20.98 17.30 -9.23
C SER B 281 19.53 17.06 -8.78
N ALA B 282 18.67 16.62 -9.70
CA ALA B 282 17.27 16.29 -9.42
C ALA B 282 17.16 15.13 -8.43
N ASP B 283 18.19 14.26 -8.38
CA ASP B 283 18.26 13.09 -7.51
C ASP B 283 18.77 13.38 -6.12
N TYR B 284 19.60 14.43 -5.94
CA TYR B 284 20.15 14.73 -4.62
C TYR B 284 19.76 16.11 -4.05
N VAL B 285 19.02 16.92 -4.81
CA VAL B 285 18.57 18.23 -4.30
C VAL B 285 17.11 18.14 -3.93
N PHE B 286 16.75 18.56 -2.70
CA PHE B 286 15.35 18.60 -2.31
C PHE B 286 14.78 19.89 -2.87
N GLN B 287 14.30 19.85 -4.13
CA GLN B 287 13.78 21.02 -4.81
C GLN B 287 12.38 21.36 -4.32
N GLU B 288 12.30 21.83 -3.04
CA GLU B 288 11.06 22.27 -2.37
C GLU B 288 10.42 23.42 -3.13
N SER B 289 11.23 24.13 -3.97
CA SER B 289 10.87 25.22 -4.89
C SER B 289 12.03 25.38 -5.88
N TYR B 290 11.91 26.30 -6.84
CA TYR B 290 12.98 26.59 -7.81
C TYR B 290 13.22 28.11 -7.84
N SER B 291 12.87 28.75 -6.70
CA SER B 291 12.97 30.19 -6.44
C SER B 291 14.40 30.65 -6.19
N SER B 292 14.76 31.79 -6.82
CA SER B 292 16.04 32.49 -6.64
C SER B 292 16.09 33.15 -5.25
N LYS B 293 14.92 33.26 -4.59
CA LYS B 293 14.65 33.87 -3.27
C LYS B 293 14.61 32.82 -2.15
N LYS B 294 14.90 31.54 -2.45
CA LYS B 294 14.83 30.46 -1.47
C LYS B 294 16.05 29.53 -1.48
N LEU B 295 16.35 28.91 -0.32
CA LEU B 295 17.46 27.97 -0.16
C LEU B 295 16.95 26.55 -0.08
N CYS B 296 17.63 25.62 -0.80
CA CYS B 296 17.26 24.21 -0.91
C CYS B 296 18.30 23.29 -0.31
N THR B 297 17.84 22.32 0.52
CA THR B 297 18.69 21.31 1.17
C THR B 297 19.10 20.18 0.23
N LEU B 298 20.22 19.53 0.55
CA LEU B 298 20.77 18.43 -0.22
C LEU B 298 20.56 17.12 0.55
N ALA B 299 20.20 16.07 -0.19
CA ALA B 299 19.94 14.71 0.30
C ALA B 299 21.26 13.91 0.49
N ILE B 300 22.36 14.64 0.75
CA ILE B 300 23.69 14.17 1.07
C ILE B 300 24.14 14.92 2.35
N HIS B 301 24.48 14.17 3.40
CA HIS B 301 24.88 14.72 4.69
C HIS B 301 26.17 14.08 5.17
N ALA B 302 26.95 14.76 6.03
CA ALA B 302 28.15 14.17 6.62
C ALA B 302 27.73 13.29 7.78
N MET B 303 28.40 12.17 7.92
CA MET B 303 28.22 11.23 9.00
C MET B 303 29.52 10.49 9.21
N ASP B 304 30.08 10.61 10.41
CA ASP B 304 31.32 9.93 10.74
C ASP B 304 30.98 8.64 11.45
N ILE B 305 31.04 7.54 10.71
CA ILE B 305 30.72 6.22 11.26
C ILE B 305 31.96 5.66 11.94
N PRO B 306 31.86 5.29 13.25
CA PRO B 306 33.04 4.81 13.96
C PRO B 306 33.46 3.38 13.59
N PRO B 307 34.72 2.97 13.88
CA PRO B 307 35.12 1.57 13.60
C PRO B 307 34.32 0.55 14.42
N PRO B 308 34.27 -0.74 14.05
CA PRO B 308 34.94 -1.39 12.90
C PRO B 308 34.30 -1.12 11.53
N THR B 309 32.97 -0.79 11.49
CA THR B 309 32.21 -0.53 10.26
C THR B 309 32.76 0.70 9.49
N GLY B 310 32.96 1.79 10.20
CA GLY B 310 33.50 3.02 9.64
C GLY B 310 35.01 3.17 9.84
N PRO B 311 35.66 4.22 9.30
CA PRO B 311 35.12 5.29 8.44
C PRO B 311 34.60 4.70 7.13
N THR B 312 33.40 5.14 6.72
CA THR B 312 32.72 4.66 5.52
C THR B 312 31.72 5.65 4.96
N TRP B 313 31.45 5.52 3.65
CA TRP B 313 30.34 6.23 3.07
C TRP B 313 29.11 5.34 3.36
N ALA B 314 27.92 5.92 3.37
CA ALA B 314 26.71 5.12 3.53
C ALA B 314 25.78 5.51 2.41
N LEU B 315 25.30 4.52 1.67
CA LEU B 315 24.39 4.74 0.55
C LEU B 315 23.00 4.41 1.07
N GLY B 316 22.31 5.46 1.53
CA GLY B 316 20.98 5.37 2.13
C GLY B 316 19.89 5.59 1.12
N ALA B 317 18.70 6.03 1.59
CA ALA B 317 17.51 6.24 0.76
C ALA B 317 17.76 7.07 -0.48
N THR B 318 18.62 8.10 -0.41
CA THR B 318 18.94 8.91 -1.61
C THR B 318 19.43 8.01 -2.75
N PHE B 319 20.36 7.09 -2.44
CA PHE B 319 20.90 6.17 -3.44
C PHE B 319 19.90 5.13 -3.92
N ILE B 320 19.22 4.44 -2.99
CA ILE B 320 18.20 3.41 -3.25
C ILE B 320 17.02 3.94 -4.11
N ARG B 321 16.64 5.22 -3.98
CA ARG B 321 15.56 5.78 -4.78
C ARG B 321 15.90 5.68 -6.27
N LYS B 322 17.17 5.95 -6.63
CA LYS B 322 17.65 5.90 -8.00
C LYS B 322 17.91 4.46 -8.45
N PHE B 323 18.46 3.63 -7.55
CA PHE B 323 18.82 2.26 -7.85
C PHE B 323 18.12 1.23 -6.99
N TYR B 324 17.24 0.47 -7.62
CA TYR B 324 16.57 -0.68 -7.04
C TYR B 324 17.71 -1.60 -6.52
N THR B 325 17.61 -2.08 -5.28
CA THR B 325 18.67 -2.84 -4.64
C THR B 325 18.26 -4.24 -4.20
N GLU B 326 19.11 -5.22 -4.56
CA GLU B 326 18.94 -6.62 -4.20
C GLU B 326 20.09 -7.02 -3.29
N PHE B 327 19.75 -7.52 -2.11
CA PHE B 327 20.74 -7.98 -1.13
C PHE B 327 20.79 -9.48 -1.24
N ASP B 328 21.90 -10.00 -1.78
CA ASP B 328 22.10 -11.43 -2.07
C ASP B 328 22.95 -12.12 -0.99
N ARG B 329 22.27 -12.89 -0.13
CA ARG B 329 22.92 -13.62 0.96
C ARG B 329 23.70 -14.86 0.48
N ARG B 330 23.14 -15.60 -0.47
CA ARG B 330 23.78 -16.79 -1.02
C ARG B 330 25.18 -16.48 -1.56
N ASN B 331 25.31 -15.36 -2.28
CA ASN B 331 26.56 -14.97 -2.92
C ASN B 331 27.36 -13.86 -2.23
N ASN B 332 26.86 -13.28 -1.14
CA ASN B 332 27.53 -12.18 -0.43
C ASN B 332 27.85 -11.05 -1.38
N ARG B 333 26.78 -10.52 -1.99
CA ARG B 333 26.88 -9.42 -2.96
C ARG B 333 25.62 -8.60 -2.95
N ILE B 334 25.71 -7.41 -3.54
CA ILE B 334 24.61 -6.46 -3.67
C ILE B 334 24.43 -6.17 -5.14
N GLY B 335 23.19 -6.23 -5.60
CA GLY B 335 22.86 -5.91 -6.97
C GLY B 335 22.14 -4.58 -7.08
N PHE B 336 22.40 -3.85 -8.15
CA PHE B 336 21.74 -2.59 -8.42
C PHE B 336 21.20 -2.59 -9.85
N ALA B 337 20.03 -2.00 -10.03
CA ALA B 337 19.38 -1.84 -11.33
C ALA B 337 18.63 -0.53 -11.22
N LEU B 338 18.46 0.17 -12.34
CA LEU B 338 17.79 1.46 -12.40
C LEU B 338 16.32 1.32 -11.98
N ALA B 339 15.92 2.06 -10.92
CA ALA B 339 14.54 1.99 -10.40
C ALA B 339 13.54 2.69 -11.28
N ARG B 340 12.31 2.19 -11.27
CA ARG B 340 11.22 2.82 -12.03
C ARG B 340 9.90 2.74 -11.25
#